data_4J6R
#
_entry.id   4J6R
#
_cell.length_a   62.044
_cell.length_b   68.692
_cell.length_c   214.534
_cell.angle_alpha   90.00
_cell.angle_beta   90.00
_cell.angle_gamma   90.00
#
_symmetry.space_group_name_H-M   'P 21 21 21'
#
loop_
_entity.id
_entity.type
_entity.pdbx_description
1 polymer 'Envelope glycoprotein gp160'
2 polymer 'HEAVY CHAIN OF ANTIBODY VRC23'
3 polymer 'LIGHT CHAIN OF ANTIBODY VRC23'
4 non-polymer 2-acetamido-2-deoxy-beta-D-glucopyranose
5 non-polymer 'CALCIUM ION'
6 non-polymer 1,2-ETHANEDIOL
7 non-polymer (4S)-2-METHYL-2,4-PENTANEDIOL
8 non-polymer 2-AMINO-2-HYDROXYMETHYL-PROPANE-1,3-DIOL
9 non-polymer (R,R)-2,3-BUTANEDIOL
10 water water
#
loop_
_entity_poly.entity_id
_entity_poly.type
_entity_poly.pdbx_seq_one_letter_code
_entity_poly.pdbx_strand_id
1 'polypeptide(L)'
;VWRDADTTLFCASDAKAYETEKHNVWATHACVPTDPNPQEIHLDNVTEKFNMWKNNMVEQMHTDIISLWDQSLKPCVKLT
GGSAITQACPKVSFEPIPIHYCTPAGFAILKCKDEGFNGTGLCKNVSTVQCTHGIKPVVSTQLLLNGSLAEKNITIRSEN
ITNNAKIIIVQLVQPVTIKCIRPNNGGSGSGGDIRQAHCNVTRSRWNKTLQEVAEKLRTYFGNKTIIFANSSGGDLEITT
HSFNCGGEFFYCNTSGLFNSTWYVNSTWNDTDSTQESNDTITLPCRIKQIINMWQRAGQAMYAPPIPGVIKCESNITGLL
LTRDGGKDNNVNETFRPGGGDMRDNWRSELYKYKVVEIE
;
G
2 'polypeptide(L)'
;(PCA)VQFVQSGAEVKKPGASVRVSCEASGYSFTDYVLQWIRQAPGQRPEWMGWIKPERGAVSYAPQFQGRLTLTRDLYT
ETAYMHFKNLRSDDTAIYYCARGVRRDASWWLQFWGQGTLVTVSSASTKGPSVFPLAPSSKSTSGGTAALGCLVKDYFPE
PVTVSWNSGALTSGVHTFPAVLQSSGLYSLSSVVTVPSSSLGTQTYICNVNHKPSNTKVDKKVEPKSC
;
H
3 'polypeptide(L)'
;EIVMTQSPVTVSVSRGGTATLSCRASQGVGSDVAWYQHKPGQTPRLLIYGASTRASGVPERFSGSGFHVDFTLSISGLQP
EDVAIYYCQQYETFGQGTKVEIKRTVAAPSVFIFPPSDEQLKSGTASVVCLLNNFYPREAKVQWKVDNALQSGNSQESVT
EQDSKDSTYSLSSTLTLSKADYEKHKVYACEVTHQGLSSPVTKSFNRGEC
;
L
#
# COMPACT_ATOMS: atom_id res chain seq x y z
N VAL A 1 14.20 -0.02 -42.29
CA VAL A 1 12.89 0.50 -42.65
C VAL A 1 12.50 1.65 -41.72
N TRP A 2 11.92 1.32 -40.57
CA TRP A 2 11.63 2.32 -39.54
C TRP A 2 11.60 1.67 -38.18
N ARG A 3 11.65 2.49 -37.13
CA ARG A 3 11.53 1.99 -35.77
C ARG A 3 11.06 3.09 -34.82
N ASP A 4 10.50 2.68 -33.68
CA ASP A 4 10.02 3.63 -32.69
C ASP A 4 11.10 4.63 -32.35
N ALA A 5 10.72 5.90 -32.23
CA ALA A 5 11.68 6.94 -31.89
C ALA A 5 10.99 8.14 -31.25
N ASP A 6 11.76 8.91 -30.49
CA ASP A 6 11.28 10.18 -29.96
C ASP A 6 12.01 11.31 -30.67
N THR A 7 11.26 12.32 -31.10
CA THR A 7 11.83 13.49 -31.74
C THR A 7 11.02 14.71 -31.35
N THR A 8 11.50 15.87 -31.75
CA THR A 8 10.80 17.13 -31.51
C THR A 8 9.73 17.32 -32.57
N LEU A 9 8.47 17.36 -32.14
CA LEU A 9 7.35 17.54 -33.06
C LEU A 9 7.08 19.03 -33.24
N PHE A 10 6.31 19.38 -34.27
CA PHE A 10 5.79 20.74 -34.39
C PHE A 10 4.26 20.67 -34.45
N CYS A 11 3.61 21.79 -34.16
CA CYS A 11 2.15 21.82 -34.20
C CYS A 11 1.63 22.62 -35.39
N ALA A 12 0.40 22.32 -35.79
CA ALA A 12 -0.27 23.03 -36.87
C ALA A 12 -1.65 23.41 -36.37
N SER A 13 -2.20 24.52 -36.85
CA SER A 13 -3.52 24.95 -36.42
C SER A 13 -4.16 25.90 -37.43
N ASP A 14 -5.47 26.11 -37.30
CA ASP A 14 -6.17 27.09 -38.11
C ASP A 14 -6.40 28.40 -37.35
N ALA A 15 -5.44 28.76 -36.50
CA ALA A 15 -5.57 29.96 -35.68
C ALA A 15 -5.71 31.22 -36.54
N LYS A 16 -6.45 32.19 -36.02
CA LYS A 16 -6.63 33.47 -36.67
C LYS A 16 -5.57 34.43 -36.16
N ALA A 17 -4.73 34.91 -37.06
CA ALA A 17 -3.65 35.82 -36.70
C ALA A 17 -4.20 37.13 -36.11
N TYR A 18 -5.48 37.39 -36.31
CA TYR A 18 -6.10 38.62 -35.83
C TYR A 18 -6.87 38.49 -34.52
N GLU A 19 -7.07 37.26 -34.05
CA GLU A 19 -7.94 36.99 -32.90
C GLU A 19 -7.24 37.30 -31.57
N THR A 20 -8.03 37.72 -30.59
CA THR A 20 -7.48 38.09 -29.27
C THR A 20 -7.56 36.92 -28.29
N GLU A 21 -8.45 35.98 -28.56
CA GLU A 21 -8.53 34.72 -27.84
C GLU A 21 -7.14 34.07 -27.71
N LYS A 22 -6.81 33.62 -26.51
CA LYS A 22 -5.43 33.26 -26.17
C LYS A 22 -4.86 32.01 -26.83
N HIS A 23 -5.68 30.99 -27.08
CA HIS A 23 -5.20 29.83 -27.83
C HIS A 23 -4.80 30.24 -29.24
N ASN A 24 -5.60 31.09 -29.88
CA ASN A 24 -5.27 31.60 -31.20
C ASN A 24 -3.94 32.32 -31.15
N VAL A 25 -3.76 33.14 -30.12
CA VAL A 25 -2.58 34.00 -30.02
C VAL A 25 -1.34 33.13 -29.87
N TRP A 26 -1.41 32.14 -29.00
CA TRP A 26 -0.32 31.21 -28.79
C TRP A 26 0.02 30.47 -30.09
N ALA A 27 -0.99 29.87 -30.70
CA ALA A 27 -0.81 29.07 -31.91
C ALA A 27 -0.26 29.91 -33.07
N THR A 28 -0.48 31.21 -33.04
CA THR A 28 0.00 32.06 -34.12
C THR A 28 1.54 32.09 -34.16
N HIS A 29 2.19 31.94 -33.00
CA HIS A 29 3.66 31.95 -33.00
C HIS A 29 4.25 30.55 -32.76
N ALA A 30 3.47 29.65 -32.19
CA ALA A 30 3.98 28.34 -31.80
C ALA A 30 3.79 27.30 -32.89
N CYS A 31 2.88 27.56 -33.81
CA CYS A 31 2.45 26.54 -34.78
C CYS A 31 2.46 27.08 -36.21
N VAL A 32 2.42 26.17 -37.17
CA VAL A 32 2.27 26.53 -38.57
C VAL A 32 0.82 26.30 -39.01
N PRO A 33 0.47 26.78 -40.20
CA PRO A 33 -0.87 26.54 -40.75
C PRO A 33 -1.11 25.08 -41.10
N THR A 34 -2.36 24.64 -41.00
CA THR A 34 -2.71 23.26 -41.34
C THR A 34 -2.59 23.02 -42.84
N ASP A 35 -2.38 21.77 -43.23
CA ASP A 35 -2.35 21.40 -44.64
C ASP A 35 -3.80 21.21 -45.10
N PRO A 36 -4.20 21.93 -46.16
CA PRO A 36 -5.54 21.81 -46.74
C PRO A 36 -5.87 20.38 -47.18
N ASN A 37 -4.92 19.70 -47.80
CA ASN A 37 -5.12 18.34 -48.26
C ASN A 37 -4.06 17.39 -47.71
N PRO A 38 -4.22 16.98 -46.43
CA PRO A 38 -3.29 16.06 -45.77
C PRO A 38 -3.36 14.67 -46.40
N GLN A 39 -2.24 13.98 -46.43
CA GLN A 39 -2.20 12.65 -47.02
C GLN A 39 -2.14 11.57 -45.96
N GLU A 40 -3.00 10.55 -46.10
CA GLU A 40 -2.95 9.38 -45.25
C GLU A 40 -2.82 8.15 -46.12
N ILE A 41 -1.80 7.34 -45.86
CA ILE A 41 -1.54 6.17 -46.68
C ILE A 41 -1.65 4.89 -45.85
N HIS A 42 -2.48 3.97 -46.31
CA HIS A 42 -2.61 2.67 -45.66
C HIS A 42 -1.34 1.86 -45.89
N LEU A 43 -0.80 1.30 -44.81
CA LEU A 43 0.39 0.46 -44.92
C LEU A 43 -0.01 -1.01 -45.06
N ASP A 44 -0.07 -1.47 -46.30
CA ASP A 44 -0.53 -2.82 -46.60
C ASP A 44 0.27 -3.87 -45.83
N ASN A 45 -0.46 -4.76 -45.14
CA ASN A 45 0.17 -5.91 -44.51
C ASN A 45 1.14 -5.53 -43.39
N VAL A 46 0.89 -4.39 -42.74
CA VAL A 46 1.76 -3.92 -41.68
C VAL A 46 1.10 -4.05 -40.31
N THR A 47 1.83 -4.65 -39.37
CA THR A 47 1.38 -4.74 -37.99
C THR A 47 2.37 -4.05 -37.06
N GLU A 48 1.85 -3.26 -36.12
CA GLU A 48 2.68 -2.45 -35.25
C GLU A 48 2.15 -2.46 -33.82
N LYS A 49 3.07 -2.45 -32.86
CA LYS A 49 2.69 -2.34 -31.45
C LYS A 49 2.61 -0.89 -31.02
N PHE A 50 1.58 -0.56 -30.23
CA PHE A 50 1.42 0.77 -29.66
C PHE A 50 1.39 0.67 -28.14
N ASN A 51 1.75 1.76 -27.47
CA ASN A 51 1.56 1.87 -26.02
C ASN A 51 1.19 3.30 -25.63
N MET A 52 -0.10 3.54 -25.45
CA MET A 52 -0.61 4.87 -25.21
C MET A 52 -0.12 5.44 -23.88
N TRP A 53 0.32 4.56 -22.98
CA TRP A 53 0.76 4.96 -21.64
C TRP A 53 2.24 5.34 -21.61
N LYS A 54 2.97 4.97 -22.65
CA LYS A 54 4.38 5.32 -22.78
C LYS A 54 4.62 5.95 -24.15
N ASN A 55 3.89 7.01 -24.42
CA ASN A 55 3.93 7.68 -25.71
C ASN A 55 4.42 9.12 -25.52
N ASN A 56 5.63 9.40 -26.01
CA ASN A 56 6.28 10.68 -25.75
C ASN A 56 5.57 11.87 -26.43
N MET A 57 4.71 11.60 -27.40
CA MET A 57 3.88 12.65 -27.99
C MET A 57 3.09 13.37 -26.91
N VAL A 58 2.59 12.59 -25.95
CA VAL A 58 1.82 13.11 -24.82
C VAL A 58 2.62 14.17 -24.05
N GLU A 59 3.88 13.89 -23.79
CA GLU A 59 4.72 14.78 -23.00
C GLU A 59 4.98 16.08 -23.75
N GLN A 60 5.18 15.98 -25.06
CA GLN A 60 5.40 17.19 -25.86
C GLN A 60 4.17 18.09 -25.84
N MET A 61 3.00 17.50 -26.04
CA MET A 61 1.76 18.26 -25.94
C MET A 61 1.59 18.90 -24.56
N HIS A 62 1.88 18.14 -23.50
CA HIS A 62 1.74 18.63 -22.14
C HIS A 62 2.58 19.89 -21.94
N THR A 63 3.85 19.84 -22.31
CA THR A 63 4.74 20.98 -22.12
C THR A 63 4.25 22.20 -22.91
N ASP A 64 3.68 21.96 -24.08
CA ASP A 64 3.14 23.05 -24.91
C ASP A 64 1.94 23.69 -24.25
N ILE A 65 1.03 22.87 -23.72
CA ILE A 65 -0.19 23.41 -23.14
C ILE A 65 0.13 24.12 -21.83
N ILE A 66 1.13 23.62 -21.11
CA ILE A 66 1.67 24.36 -19.98
C ILE A 66 2.10 25.76 -20.44
N SER A 67 2.87 25.85 -21.51
CA SER A 67 3.36 27.14 -21.99
C SER A 67 2.21 28.04 -22.39
N LEU A 68 1.20 27.46 -23.05
CA LEU A 68 0.04 28.21 -23.49
C LEU A 68 -0.67 28.84 -22.29
N TRP A 69 -0.91 28.04 -21.26
CA TRP A 69 -1.53 28.53 -20.04
C TRP A 69 -0.69 29.57 -19.31
N ASP A 70 0.61 29.32 -19.18
CA ASP A 70 1.48 30.25 -18.46
C ASP A 70 1.47 31.64 -19.08
N GLN A 71 1.53 31.71 -20.40
CA GLN A 71 1.62 33.00 -21.06
C GLN A 71 0.23 33.58 -21.38
N SER A 72 -0.83 32.84 -21.05
CA SER A 72 -2.19 33.27 -21.37
C SER A 72 -3.02 33.67 -20.14
N LEU A 73 -2.95 32.87 -19.08
CA LEU A 73 -3.78 33.10 -17.90
C LEU A 73 -2.93 33.49 -16.70
N LYS A 74 -2.64 34.78 -16.60
CA LYS A 74 -1.75 35.28 -15.56
C LYS A 74 -2.49 35.58 -14.26
N PRO A 75 -2.06 34.94 -13.17
CA PRO A 75 -2.63 35.18 -11.85
C PRO A 75 -2.20 36.52 -11.28
N CYS A 76 -3.03 37.09 -10.41
CA CYS A 76 -2.69 38.32 -9.70
C CYS A 76 -1.57 38.02 -8.71
N VAL A 77 -1.56 36.80 -8.19
CA VAL A 77 -0.51 36.38 -7.25
C VAL A 77 -0.21 34.90 -7.43
N LYS A 78 1.07 34.56 -7.46
CA LYS A 78 1.51 33.18 -7.56
C LYS A 78 2.32 32.81 -6.33
N LEU A 79 1.97 31.70 -5.71
CA LEU A 79 2.78 31.18 -4.62
C LEU A 79 3.41 29.86 -5.05
N THR A 80 4.30 29.94 -6.04
CA THR A 80 5.06 28.78 -6.49
C THR A 80 6.29 28.65 -5.61
N GLY A 81 6.29 27.62 -4.75
CA GLY A 81 7.31 27.49 -3.73
C GLY A 81 6.90 28.28 -2.51
N GLY A 82 7.88 28.89 -1.84
CA GLY A 82 7.62 29.73 -0.69
C GLY A 82 7.56 31.20 -1.06
N SER A 83 7.94 31.51 -2.29
CA SER A 83 7.99 32.90 -2.76
C SER A 83 6.71 33.34 -3.46
N ALA A 84 6.17 34.48 -3.05
CA ALA A 84 4.94 35.01 -3.61
C ALA A 84 5.21 36.08 -4.68
N ILE A 85 4.57 35.92 -5.83
CA ILE A 85 4.80 36.79 -6.98
C ILE A 85 3.55 37.62 -7.32
N THR A 86 3.69 38.93 -7.33
CA THR A 86 2.59 39.84 -7.67
C THR A 86 2.71 40.33 -9.11
N GLN A 87 1.58 40.44 -9.82
CA GLN A 87 1.59 40.91 -11.20
C GLN A 87 0.19 41.26 -11.72
N ALA A 88 0.13 41.76 -12.96
CA ALA A 88 -1.13 42.13 -13.59
C ALA A 88 -1.91 40.88 -14.00
N CYS A 89 -3.23 40.94 -13.89
CA CYS A 89 -4.07 39.76 -14.09
C CYS A 89 -5.36 40.10 -14.78
N PRO A 90 -5.30 40.45 -16.07
CA PRO A 90 -6.49 40.87 -16.81
C PRO A 90 -7.40 39.70 -17.15
N LYS A 91 -8.68 39.99 -17.35
CA LYS A 91 -9.60 39.02 -17.88
C LYS A 91 -9.25 38.82 -19.36
N VAL A 92 -9.40 37.59 -19.83
CA VAL A 92 -9.06 37.27 -21.20
C VAL A 92 -10.14 36.41 -21.85
N SER A 93 -10.07 36.30 -23.16
CA SER A 93 -10.88 35.34 -23.91
C SER A 93 -10.08 34.04 -23.99
N PHE A 94 -10.70 32.94 -23.57
CA PHE A 94 -10.03 31.66 -23.46
C PHE A 94 -10.98 30.55 -23.88
N GLU A 95 -10.78 30.04 -25.10
CA GLU A 95 -11.64 29.00 -25.66
C GLU A 95 -10.81 28.12 -26.60
N PRO A 96 -10.61 26.85 -26.23
CA PRO A 96 -9.70 25.98 -26.98
C PRO A 96 -10.01 25.85 -28.47
N ILE A 97 -8.95 25.78 -29.26
CA ILE A 97 -9.06 25.46 -30.69
C ILE A 97 -8.25 24.19 -30.92
N PRO A 98 -8.52 23.49 -32.04
CA PRO A 98 -7.78 22.25 -32.29
C PRO A 98 -6.31 22.50 -32.63
N ILE A 99 -5.46 21.67 -32.05
CA ILE A 99 -4.03 21.68 -32.35
C ILE A 99 -3.66 20.32 -32.92
N HIS A 100 -2.93 20.30 -34.03
CA HIS A 100 -2.44 19.07 -34.61
C HIS A 100 -0.94 18.94 -34.31
N TYR A 101 -0.48 17.71 -34.08
CA TYR A 101 0.95 17.47 -33.90
C TYR A 101 1.53 16.72 -35.09
N CYS A 102 2.70 17.16 -35.55
CA CYS A 102 3.27 16.68 -36.80
C CYS A 102 4.75 16.33 -36.64
N THR A 103 5.19 15.37 -37.45
CA THR A 103 6.60 14.97 -37.45
C THR A 103 7.42 15.73 -38.48
N PRO A 104 8.65 16.09 -38.11
CA PRO A 104 9.60 16.72 -39.02
C PRO A 104 10.15 15.73 -40.05
N ALA A 105 11.03 16.19 -40.93
CA ALA A 105 11.61 15.33 -41.95
C ALA A 105 12.38 14.17 -41.30
N GLY A 106 12.29 13.00 -41.92
CA GLY A 106 13.00 11.82 -41.43
C GLY A 106 12.20 11.02 -40.43
N PHE A 107 11.08 11.56 -39.98
CA PHE A 107 10.22 10.87 -39.03
C PHE A 107 8.81 10.79 -39.59
N ALA A 108 7.99 9.95 -38.98
CA ALA A 108 6.63 9.76 -39.45
C ALA A 108 5.75 9.39 -38.28
N ILE A 109 4.45 9.64 -38.42
CA ILE A 109 3.48 9.23 -37.42
C ILE A 109 2.72 8.00 -37.93
N LEU A 110 2.70 6.94 -37.14
CA LEU A 110 1.87 5.79 -37.47
C LEU A 110 0.55 5.88 -36.70
N LYS A 111 -0.52 5.49 -37.37
CA LYS A 111 -1.86 5.67 -36.85
C LYS A 111 -2.63 4.36 -36.87
N CYS A 112 -3.08 3.93 -35.70
CA CYS A 112 -3.85 2.69 -35.62
C CYS A 112 -5.31 2.95 -35.97
N LYS A 113 -5.83 2.18 -36.92
CA LYS A 113 -7.20 2.37 -37.38
C LYS A 113 -8.11 1.26 -36.91
N ASP A 114 -7.61 0.40 -36.02
CA ASP A 114 -8.41 -0.70 -35.49
C ASP A 114 -9.60 -0.16 -34.71
N GLU A 115 -10.76 -0.77 -34.93
CA GLU A 115 -11.96 -0.37 -34.22
C GLU A 115 -11.79 -0.62 -32.73
N GLY A 116 -12.14 0.37 -31.92
CA GLY A 116 -12.07 0.24 -30.48
C GLY A 116 -10.72 -0.19 -29.97
N PHE A 117 -9.67 0.23 -30.66
CA PHE A 117 -8.30 -0.08 -30.24
C PHE A 117 -8.10 0.42 -28.81
N ASN A 118 -7.66 -0.48 -27.93
CA ASN A 118 -7.55 -0.12 -26.51
C ASN A 118 -6.30 0.71 -26.19
N GLY A 119 -5.41 0.87 -27.16
CA GLY A 119 -4.26 1.75 -27.01
C GLY A 119 -2.95 1.05 -26.70
N THR A 120 -3.02 -0.24 -26.36
CA THR A 120 -1.83 -1.01 -26.04
C THR A 120 -1.92 -2.42 -26.64
N GLY A 121 -1.02 -2.73 -27.56
CA GLY A 121 -1.00 -4.03 -28.20
C GLY A 121 -0.78 -3.89 -29.69
N LEU A 122 -0.98 -4.99 -30.42
CA LEU A 122 -0.78 -5.03 -31.85
C LEU A 122 -1.95 -4.44 -32.62
N CYS A 123 -1.66 -3.48 -33.49
CA CYS A 123 -2.66 -2.93 -34.40
C CYS A 123 -2.55 -3.67 -35.73
N LYS A 124 -3.69 -4.04 -36.30
CA LYS A 124 -3.71 -4.79 -37.55
C LYS A 124 -3.88 -3.88 -38.79
N ASN A 125 -4.56 -2.75 -38.60
CA ASN A 125 -4.77 -1.79 -39.68
C ASN A 125 -4.02 -0.50 -39.40
N VAL A 126 -2.84 -0.35 -40.00
CA VAL A 126 -1.99 0.80 -39.74
C VAL A 126 -1.91 1.70 -40.96
N SER A 127 -1.87 3.01 -40.72
CA SER A 127 -1.63 3.98 -41.78
C SER A 127 -0.53 4.91 -41.32
N THR A 128 0.00 5.71 -42.26
CA THR A 128 0.94 6.75 -41.90
C THR A 128 0.37 8.11 -42.27
N VAL A 129 0.59 9.09 -41.40
CA VAL A 129 0.12 10.46 -41.62
C VAL A 129 1.23 11.41 -41.23
N GLN A 130 1.18 12.66 -41.72
CA GLN A 130 2.15 13.67 -41.29
C GLN A 130 1.72 14.31 -39.97
N CYS A 131 0.42 14.46 -39.77
CA CYS A 131 -0.10 15.12 -38.57
C CYS A 131 -1.24 14.33 -37.94
N THR A 132 -1.40 14.47 -36.63
CA THR A 132 -2.57 13.95 -35.92
C THR A 132 -3.81 14.72 -36.33
N HIS A 133 -4.97 14.27 -35.89
CA HIS A 133 -6.18 15.04 -36.03
C HIS A 133 -6.09 16.24 -35.10
N GLY A 134 -7.00 17.20 -35.27
CA GLY A 134 -7.01 18.39 -34.44
C GLY A 134 -7.54 18.11 -33.05
N ILE A 135 -6.71 18.39 -32.05
CA ILE A 135 -7.04 18.10 -30.66
C ILE A 135 -7.20 19.40 -29.89
N LYS A 136 -8.41 19.64 -29.38
CA LYS A 136 -8.61 20.76 -28.46
C LYS A 136 -7.99 20.43 -27.11
N PRO A 137 -7.07 21.28 -26.64
CA PRO A 137 -6.38 21.03 -25.37
C PRO A 137 -7.24 21.38 -24.16
N VAL A 138 -8.35 20.69 -24.00
CA VAL A 138 -9.28 20.96 -22.89
C VAL A 138 -8.76 20.44 -21.55
N VAL A 139 -8.57 21.37 -20.61
CA VAL A 139 -8.12 21.05 -19.28
C VAL A 139 -9.33 20.86 -18.37
N SER A 140 -9.50 19.65 -17.85
CA SER A 140 -10.59 19.32 -16.96
C SER A 140 -10.28 18.07 -16.16
N THR A 141 -11.07 17.84 -15.11
CA THR A 141 -11.00 16.60 -14.37
C THR A 141 -12.36 15.90 -14.41
N GLN A 142 -12.34 14.61 -14.15
CA GLN A 142 -13.54 13.76 -14.02
C GLN A 142 -14.24 13.49 -15.34
N LEU A 143 -14.68 14.56 -16.01
CA LEU A 143 -15.32 14.43 -17.30
C LEU A 143 -14.40 14.96 -18.39
N LEU A 144 -14.25 14.20 -19.46
CA LEU A 144 -13.56 14.69 -20.65
C LEU A 144 -14.57 15.40 -21.53
N LEU A 145 -14.22 16.61 -21.94
CA LEU A 145 -15.15 17.48 -22.64
C LEU A 145 -14.67 17.78 -24.05
N ASN A 146 -15.62 17.86 -24.98
CA ASN A 146 -15.33 18.28 -26.35
C ASN A 146 -14.25 17.42 -27.00
N GLY A 147 -14.15 16.16 -26.57
CA GLY A 147 -13.18 15.25 -27.13
C GLY A 147 -13.74 14.39 -28.25
N SER A 148 -12.98 13.37 -28.66
CA SER A 148 -13.41 12.45 -29.70
C SER A 148 -14.29 11.36 -29.11
N LEU A 149 -15.21 10.87 -29.93
CA LEU A 149 -16.13 9.80 -29.52
C LEU A 149 -15.77 8.48 -30.19
N ALA A 150 -16.12 7.37 -29.54
CA ALA A 150 -15.95 6.05 -30.12
C ALA A 150 -16.96 5.86 -31.24
N GLU A 151 -16.59 5.08 -32.25
CA GLU A 151 -17.44 4.93 -33.43
C GLU A 151 -18.70 4.13 -33.14
N LYS A 152 -18.53 3.00 -32.45
CA LYS A 152 -19.63 2.03 -32.30
C LYS A 152 -19.94 1.68 -30.85
N ASN A 153 -18.90 1.42 -30.06
CA ASN A 153 -19.10 0.96 -28.69
C ASN A 153 -18.31 1.79 -27.69
N ILE A 154 -18.85 1.92 -26.48
CA ILE A 154 -18.12 2.55 -25.40
C ILE A 154 -16.81 1.80 -25.23
N THR A 155 -15.72 2.53 -25.11
CA THR A 155 -14.41 1.91 -25.06
C THR A 155 -13.69 2.26 -23.76
N ILE A 156 -13.05 1.27 -23.17
CA ILE A 156 -12.34 1.41 -21.91
C ILE A 156 -10.85 1.26 -22.18
N ARG A 157 -10.07 2.20 -21.68
CA ARG A 157 -8.62 2.17 -21.85
C ARG A 157 -7.94 2.32 -20.50
N SER A 158 -7.14 1.32 -20.13
CA SER A 158 -6.38 1.35 -18.87
C SER A 158 -5.09 0.55 -19.04
N GLU A 159 -4.01 1.03 -18.44
CA GLU A 159 -2.72 0.36 -18.50
C GLU A 159 -2.82 -1.02 -17.85
N ASN A 160 -3.59 -1.09 -16.76
CA ASN A 160 -3.93 -2.36 -16.14
C ASN A 160 -5.25 -2.21 -15.42
N ILE A 161 -6.33 -2.70 -16.02
CA ILE A 161 -7.67 -2.47 -15.48
C ILE A 161 -7.86 -3.08 -14.09
N THR A 162 -7.06 -4.08 -13.73
CA THR A 162 -7.22 -4.71 -12.41
C THR A 162 -6.26 -4.12 -11.37
N ASN A 163 -5.49 -3.13 -11.80
CA ASN A 163 -4.58 -2.40 -10.91
C ASN A 163 -5.26 -1.12 -10.42
N ASN A 164 -5.69 -1.13 -9.15
CA ASN A 164 -6.52 -0.04 -8.64
C ASN A 164 -5.80 1.31 -8.58
N ALA A 165 -4.48 1.30 -8.75
CA ALA A 165 -3.71 2.54 -8.80
C ALA A 165 -3.74 3.19 -10.20
N LYS A 166 -4.29 2.49 -11.19
CA LYS A 166 -4.27 2.98 -12.57
C LYS A 166 -5.54 3.69 -12.97
N ILE A 167 -5.40 4.82 -13.65
CA ILE A 167 -6.57 5.52 -14.19
C ILE A 167 -7.28 4.68 -15.25
N ILE A 168 -8.59 4.86 -15.34
CA ILE A 168 -9.39 4.22 -16.37
C ILE A 168 -10.04 5.29 -17.25
N ILE A 169 -9.65 5.31 -18.52
CA ILE A 169 -10.22 6.26 -19.47
C ILE A 169 -11.39 5.61 -20.18
N VAL A 170 -12.53 6.28 -20.13
CA VAL A 170 -13.74 5.82 -20.79
C VAL A 170 -14.04 6.75 -21.95
N GLN A 171 -14.36 6.18 -23.10
CA GLN A 171 -14.77 6.96 -24.27
C GLN A 171 -16.19 6.59 -24.66
N LEU A 172 -17.05 7.61 -24.72
CA LEU A 172 -18.45 7.43 -25.03
C LEU A 172 -18.67 7.39 -26.54
N VAL A 173 -19.82 6.86 -26.94
CA VAL A 173 -20.24 6.85 -28.33
C VAL A 173 -21.13 8.04 -28.60
N GLN A 174 -22.10 8.25 -27.71
CA GLN A 174 -22.99 9.39 -27.79
C GLN A 174 -22.60 10.41 -26.74
N PRO A 175 -22.48 11.69 -27.14
CA PRO A 175 -22.09 12.72 -26.17
C PRO A 175 -23.28 13.11 -25.30
N VAL A 176 -22.97 13.54 -24.08
CA VAL A 176 -23.97 14.06 -23.16
C VAL A 176 -23.67 15.53 -22.92
N THR A 177 -24.63 16.38 -23.28
CA THR A 177 -24.45 17.83 -23.16
C THR A 177 -24.42 18.24 -21.69
N ILE A 178 -23.52 19.14 -21.37
CA ILE A 178 -23.49 19.73 -20.04
C ILE A 178 -23.57 21.25 -20.22
N LYS A 179 -24.56 21.87 -19.61
CA LYS A 179 -24.84 23.29 -19.77
C LYS A 179 -24.63 24.04 -18.45
N CYS A 180 -23.74 25.00 -18.44
CA CYS A 180 -23.37 25.68 -17.20
C CYS A 180 -23.69 27.16 -17.27
N ILE A 181 -23.93 27.76 -16.11
CA ILE A 181 -24.17 29.19 -16.04
C ILE A 181 -23.86 29.73 -14.64
N ARG A 182 -23.38 30.97 -14.61
CA ARG A 182 -23.27 31.71 -13.36
C ARG A 182 -24.33 32.79 -13.39
N ASP A 193 -23.86 36.48 -3.91
CA ASP A 193 -22.70 35.61 -4.08
C ASP A 193 -22.43 35.36 -5.56
N ILE A 194 -21.60 36.21 -6.15
CA ILE A 194 -21.33 36.15 -7.60
C ILE A 194 -20.47 34.95 -7.98
N ARG A 195 -20.10 34.14 -7.01
CA ARG A 195 -19.28 32.96 -7.30
C ARG A 195 -20.15 31.71 -7.45
N GLN A 196 -21.44 31.84 -7.16
CA GLN A 196 -22.34 30.69 -7.26
C GLN A 196 -22.77 30.43 -8.71
N ALA A 197 -22.67 29.18 -9.13
CA ALA A 197 -23.01 28.78 -10.50
C ALA A 197 -23.59 27.37 -10.48
N HIS A 198 -24.01 26.87 -11.65
CA HIS A 198 -24.44 25.47 -11.73
C HIS A 198 -24.46 24.91 -13.16
N CYS A 199 -24.41 23.58 -13.26
CA CYS A 199 -24.39 22.86 -14.54
C CYS A 199 -25.54 21.84 -14.60
N ASN A 200 -26.20 21.75 -15.76
CA ASN A 200 -27.26 20.76 -15.97
C ASN A 200 -26.85 19.68 -16.97
N VAL A 201 -27.21 18.42 -16.67
CA VAL A 201 -27.14 17.34 -17.65
C VAL A 201 -28.49 16.65 -17.68
N THR A 202 -28.89 16.16 -18.86
CA THR A 202 -30.16 15.46 -18.97
C THR A 202 -30.09 14.14 -18.22
N ARG A 203 -30.98 13.96 -17.26
CA ARG A 203 -30.95 12.81 -16.36
C ARG A 203 -31.05 11.49 -17.11
N SER A 204 -32.08 11.36 -17.95
CA SER A 204 -32.30 10.13 -18.71
C SER A 204 -31.09 9.77 -19.55
N ARG A 205 -30.48 10.77 -20.18
CA ARG A 205 -29.34 10.56 -21.05
C ARG A 205 -28.12 10.12 -20.25
N TRP A 206 -27.92 10.73 -19.09
CA TRP A 206 -26.79 10.40 -18.26
C TRP A 206 -26.93 8.98 -17.68
N ASN A 207 -28.15 8.59 -17.32
CA ASN A 207 -28.35 7.26 -16.75
C ASN A 207 -28.21 6.15 -17.79
N LYS A 208 -28.66 6.41 -19.02
CA LYS A 208 -28.49 5.45 -20.11
C LYS A 208 -27.01 5.25 -20.34
N THR A 209 -26.24 6.33 -20.27
CA THR A 209 -24.80 6.28 -20.44
C THR A 209 -24.17 5.39 -19.36
N LEU A 210 -24.52 5.63 -18.09
CA LEU A 210 -23.99 4.84 -16.99
C LEU A 210 -24.36 3.37 -17.10
N GLN A 211 -25.56 3.09 -17.59
CA GLN A 211 -25.98 1.71 -17.81
C GLN A 211 -25.05 1.04 -18.82
N GLU A 212 -24.70 1.77 -19.87
CA GLU A 212 -23.87 1.22 -20.94
C GLU A 212 -22.41 1.13 -20.49
N VAL A 213 -21.96 2.12 -19.74
CA VAL A 213 -20.62 2.07 -19.14
C VAL A 213 -20.52 0.86 -18.20
N ALA A 214 -21.53 0.66 -17.38
CA ALA A 214 -21.54 -0.49 -16.48
C ALA A 214 -21.45 -1.80 -17.27
N GLU A 215 -22.24 -1.90 -18.34
CA GLU A 215 -22.25 -3.14 -19.12
C GLU A 215 -20.87 -3.42 -19.70
N LYS A 216 -20.17 -2.37 -20.12
CA LYS A 216 -18.85 -2.52 -20.70
C LYS A 216 -17.84 -2.95 -19.64
N LEU A 217 -17.95 -2.39 -18.45
CA LEU A 217 -17.04 -2.74 -17.37
C LEU A 217 -17.20 -4.21 -16.98
N ARG A 218 -18.42 -4.73 -17.08
CA ARG A 218 -18.65 -6.13 -16.72
C ARG A 218 -17.93 -7.09 -17.66
N THR A 219 -17.53 -6.61 -18.84
CA THR A 219 -16.79 -7.46 -19.77
C THR A 219 -15.39 -7.72 -19.24
N TYR A 220 -14.93 -6.84 -18.36
CA TYR A 220 -13.61 -6.98 -17.75
C TYR A 220 -13.68 -7.60 -16.36
N PHE A 221 -14.74 -7.29 -15.62
CA PHE A 221 -14.82 -7.69 -14.20
C PHE A 221 -15.82 -8.80 -13.93
N GLY A 222 -16.56 -9.20 -14.96
CA GLY A 222 -17.49 -10.29 -14.81
C GLY A 222 -18.89 -9.82 -14.44
N ASN A 223 -19.80 -10.78 -14.39
CA ASN A 223 -21.20 -10.53 -14.11
C ASN A 223 -21.40 -10.04 -12.68
N LYS A 224 -20.96 -8.80 -12.42
CA LYS A 224 -21.00 -8.24 -11.07
C LYS A 224 -21.77 -6.92 -11.03
N THR A 225 -22.21 -6.54 -9.84
CA THR A 225 -22.86 -5.26 -9.61
C THR A 225 -21.84 -4.14 -9.75
N ILE A 226 -22.20 -3.12 -10.52
CA ILE A 226 -21.31 -1.98 -10.74
C ILE A 226 -21.85 -0.75 -10.02
N ILE A 227 -21.01 -0.17 -9.17
CA ILE A 227 -21.41 0.99 -8.39
C ILE A 227 -20.60 2.20 -8.81
N PHE A 228 -21.29 3.32 -9.00
CA PHE A 228 -20.62 4.60 -9.20
C PHE A 228 -20.81 5.44 -7.95
N ALA A 229 -19.69 5.95 -7.42
CA ALA A 229 -19.70 6.71 -6.17
C ALA A 229 -18.81 7.91 -6.32
N ASN A 230 -18.85 8.84 -5.37
CA ASN A 230 -18.05 10.04 -5.53
C ASN A 230 -16.60 9.87 -5.15
N SER A 231 -15.79 10.89 -5.42
CA SER A 231 -14.37 10.84 -5.14
C SER A 231 -14.14 10.62 -3.66
N SER A 232 -13.12 9.84 -3.32
CA SER A 232 -12.79 9.55 -1.93
C SER A 232 -11.95 10.65 -1.26
N GLY A 233 -11.38 11.55 -2.05
CA GLY A 233 -10.58 12.62 -1.48
C GLY A 233 -9.56 13.23 -2.41
N GLY A 234 -8.87 14.23 -1.89
CA GLY A 234 -7.88 14.94 -2.68
C GLY A 234 -8.22 16.42 -2.79
N ASP A 235 -7.38 17.13 -3.51
CA ASP A 235 -7.58 18.56 -3.72
C ASP A 235 -8.92 18.81 -4.45
N LEU A 236 -9.51 19.99 -4.25
CA LEU A 236 -10.82 20.30 -4.85
C LEU A 236 -10.86 20.12 -6.38
N GLU A 237 -9.73 20.35 -7.03
CA GLU A 237 -9.65 20.24 -8.48
C GLU A 237 -10.02 18.84 -8.97
N ILE A 238 -9.74 17.83 -8.15
CA ILE A 238 -10.01 16.44 -8.54
C ILE A 238 -11.22 15.80 -7.88
N THR A 239 -11.67 16.35 -6.75
CA THR A 239 -12.88 15.84 -6.07
C THR A 239 -14.15 16.43 -6.69
N THR A 240 -13.98 17.51 -7.46
CA THR A 240 -15.06 18.07 -8.28
C THR A 240 -14.71 17.93 -9.74
N HIS A 241 -15.69 18.12 -10.61
CA HIS A 241 -15.42 18.35 -12.02
C HIS A 241 -14.98 19.80 -12.14
N SER A 242 -13.69 20.00 -12.38
CA SER A 242 -13.15 21.34 -12.57
C SER A 242 -12.82 21.56 -14.04
N PHE A 243 -13.04 22.79 -14.48
CA PHE A 243 -12.86 23.15 -15.88
C PHE A 243 -12.92 24.66 -15.96
N ASN A 244 -12.77 25.21 -17.15
CA ASN A 244 -12.87 26.65 -17.28
C ASN A 244 -13.89 27.06 -18.33
N CYS A 245 -14.52 28.19 -18.10
CA CYS A 245 -15.51 28.76 -19.01
C CYS A 245 -15.35 30.26 -18.97
N GLY A 246 -15.20 30.89 -20.13
CA GLY A 246 -15.09 32.34 -20.20
C GLY A 246 -13.95 32.87 -19.37
N GLY A 247 -12.87 32.08 -19.28
CA GLY A 247 -11.69 32.47 -18.52
C GLY A 247 -11.80 32.22 -17.03
N GLU A 248 -12.96 31.73 -16.60
CA GLU A 248 -13.22 31.53 -15.17
C GLU A 248 -13.12 30.05 -14.81
N PHE A 249 -12.65 29.78 -13.60
CA PHE A 249 -12.44 28.42 -13.15
C PHE A 249 -13.64 27.88 -12.37
N PHE A 250 -14.32 26.92 -12.97
CA PHE A 250 -15.50 26.30 -12.37
C PHE A 250 -15.12 25.03 -11.60
N TYR A 251 -15.77 24.82 -10.46
CA TYR A 251 -15.65 23.60 -9.68
C TYR A 251 -17.06 23.09 -9.41
N CYS A 252 -17.40 21.94 -9.98
CA CYS A 252 -18.78 21.44 -9.90
C CYS A 252 -18.87 20.13 -9.14
N ASN A 253 -19.81 20.08 -8.18
CA ASN A 253 -20.04 18.89 -7.40
C ASN A 253 -20.71 17.82 -8.24
N THR A 254 -20.07 16.67 -8.38
CA THR A 254 -20.57 15.60 -9.24
C THR A 254 -21.21 14.44 -8.47
N SER A 255 -21.56 14.68 -7.21
CA SER A 255 -22.26 13.67 -6.42
C SER A 255 -23.54 13.20 -7.12
N GLY A 256 -24.25 14.14 -7.75
CA GLY A 256 -25.47 13.83 -8.46
C GLY A 256 -25.25 12.98 -9.71
N LEU A 257 -24.01 12.93 -10.20
CA LEU A 257 -23.67 12.12 -11.37
C LEU A 257 -23.18 10.73 -11.01
N PHE A 258 -22.45 10.61 -9.90
CA PHE A 258 -21.84 9.35 -9.52
C PHE A 258 -22.40 8.89 -8.19
N ASN A 259 -23.56 8.25 -8.27
CA ASN A 259 -24.31 7.89 -7.09
C ASN A 259 -25.37 6.90 -7.48
N SER A 260 -24.95 5.78 -8.05
CA SER A 260 -25.91 4.79 -8.51
C SER A 260 -25.33 3.39 -8.47
N THR A 261 -26.23 2.42 -8.30
CA THR A 261 -25.85 1.01 -8.23
C THR A 261 -26.55 0.23 -9.34
N TRP A 262 -25.76 -0.46 -10.15
CA TRP A 262 -26.26 -1.17 -11.32
C TRP A 262 -26.06 -2.66 -11.19
N TYR A 263 -27.15 -3.36 -10.85
CA TYR A 263 -27.15 -4.82 -10.87
C TYR A 263 -27.17 -5.30 -12.31
N VAL A 264 -26.95 -6.60 -12.51
CA VAL A 264 -26.86 -7.18 -13.85
C VAL A 264 -28.15 -6.97 -14.64
N ASN A 265 -29.27 -6.79 -13.93
CA ASN A 265 -30.56 -6.63 -14.57
C ASN A 265 -31.06 -5.18 -14.54
N SER A 266 -30.24 -4.29 -14.02
CA SER A 266 -30.65 -2.89 -13.89
C SER A 266 -30.73 -2.21 -15.25
N THR A 267 -31.72 -1.32 -15.38
CA THR A 267 -31.87 -0.49 -16.56
C THR A 267 -32.14 0.93 -16.10
N TRP A 268 -31.77 1.91 -16.92
CA TRP A 268 -31.95 3.30 -16.58
C TRP A 268 -33.43 3.59 -16.27
N ASN A 269 -34.31 2.78 -16.83
CA ASN A 269 -35.77 2.92 -16.63
C ASN A 269 -36.25 2.54 -15.24
N ASP A 270 -35.37 1.97 -14.42
CA ASP A 270 -35.75 1.49 -13.10
C ASP A 270 -36.15 2.63 -12.18
N THR A 271 -37.12 2.35 -11.30
CA THR A 271 -37.55 3.28 -10.27
C THR A 271 -37.67 4.70 -10.82
N ASN A 278 -38.88 17.19 -15.14
CA ASN A 278 -37.67 17.95 -15.33
C ASN A 278 -36.63 17.20 -16.17
N ASP A 279 -36.42 15.93 -15.84
CA ASP A 279 -35.42 15.11 -16.51
C ASP A 279 -34.07 15.82 -16.50
N THR A 280 -33.74 16.42 -15.37
CA THR A 280 -32.50 17.18 -15.26
C THR A 280 -31.78 16.91 -13.95
N ILE A 281 -30.47 16.71 -14.06
CA ILE A 281 -29.59 16.68 -12.90
C ILE A 281 -28.90 18.03 -12.81
N THR A 282 -29.10 18.75 -11.71
CA THR A 282 -28.44 20.03 -11.51
C THR A 282 -27.23 19.89 -10.59
N LEU A 283 -26.06 20.23 -11.09
CA LEU A 283 -24.82 20.16 -10.32
C LEU A 283 -24.49 21.55 -9.76
N PRO A 284 -24.33 21.65 -8.44
CA PRO A 284 -23.92 22.94 -7.87
C PRO A 284 -22.45 23.22 -8.16
N CYS A 285 -22.13 24.45 -8.53
CA CYS A 285 -20.77 24.82 -8.89
C CYS A 285 -20.35 26.09 -8.15
N ARG A 286 -19.04 26.33 -8.14
CA ARG A 286 -18.50 27.57 -7.62
C ARG A 286 -17.40 28.05 -8.56
N ILE A 287 -17.32 29.37 -8.75
CA ILE A 287 -16.18 29.95 -9.46
C ILE A 287 -15.15 30.34 -8.41
N LYS A 288 -13.95 29.80 -8.52
CA LYS A 288 -12.91 30.08 -7.54
C LYS A 288 -11.84 30.99 -8.12
N GLN A 289 -11.27 31.83 -7.26
CA GLN A 289 -10.15 32.70 -7.62
C GLN A 289 -8.85 32.09 -7.15
N ILE A 290 -8.94 31.28 -6.10
CA ILE A 290 -7.77 30.64 -5.52
C ILE A 290 -7.74 29.20 -5.99
N ILE A 291 -6.71 28.84 -6.74
CA ILE A 291 -6.68 27.51 -7.36
C ILE A 291 -5.31 26.86 -7.23
N ASN A 292 -5.31 25.53 -7.24
CA ASN A 292 -4.08 24.78 -7.34
C ASN A 292 -3.76 24.55 -8.81
N MET A 293 -2.57 24.97 -9.23
CA MET A 293 -2.18 24.83 -10.62
C MET A 293 -2.01 23.36 -11.01
N TRP A 294 -2.39 23.04 -12.24
CA TRP A 294 -2.14 21.70 -12.78
C TRP A 294 -0.74 21.62 -13.40
N GLN A 295 -0.23 22.76 -13.88
CA GLN A 295 1.06 22.79 -14.57
C GLN A 295 2.20 22.43 -13.62
N ARG A 296 1.98 22.67 -12.34
CA ARG A 296 3.07 23.00 -11.44
C ARG A 296 2.54 22.89 -10.03
N ALA A 297 3.40 22.53 -9.09
CA ALA A 297 3.03 22.64 -7.68
C ALA A 297 2.93 24.12 -7.34
N GLY A 298 1.85 24.50 -6.68
CA GLY A 298 1.70 25.88 -6.24
C GLY A 298 0.28 26.37 -6.36
N GLN A 299 0.06 27.56 -5.80
CA GLN A 299 -1.27 28.16 -5.74
C GLN A 299 -1.27 29.44 -6.58
N ALA A 300 -2.41 29.73 -7.19
CA ALA A 300 -2.56 30.95 -7.97
C ALA A 300 -3.87 31.62 -7.60
N MET A 301 -3.84 32.95 -7.50
CA MET A 301 -5.06 33.69 -7.22
C MET A 301 -5.38 34.65 -8.37
N TYR A 302 -6.61 34.56 -8.87
CA TYR A 302 -7.08 35.41 -9.95
C TYR A 302 -8.07 36.44 -9.43
N ALA A 303 -8.48 37.38 -10.28
CA ALA A 303 -9.44 38.39 -9.87
C ALA A 303 -10.85 37.80 -9.88
N PRO A 304 -11.77 38.41 -9.12
CA PRO A 304 -13.18 37.98 -9.13
C PRO A 304 -13.75 38.02 -10.55
N PRO A 305 -14.91 37.36 -10.75
CA PRO A 305 -15.56 37.35 -12.07
C PRO A 305 -16.21 38.69 -12.44
N ILE A 306 -16.18 39.04 -13.73
CA ILE A 306 -16.83 40.26 -14.21
C ILE A 306 -18.35 40.09 -14.13
N PRO A 307 -19.07 41.17 -13.80
CA PRO A 307 -20.53 41.09 -13.69
C PRO A 307 -21.18 40.51 -14.95
N GLY A 308 -22.37 39.95 -14.79
CA GLY A 308 -23.13 39.47 -15.92
C GLY A 308 -23.22 37.96 -16.00
N VAL A 309 -23.90 37.49 -17.05
CA VAL A 309 -24.13 36.07 -17.22
C VAL A 309 -22.93 35.39 -17.85
N ILE A 310 -22.44 34.34 -17.20
CA ILE A 310 -21.39 33.52 -17.77
C ILE A 310 -22.01 32.18 -18.14
N LYS A 311 -21.91 31.82 -19.41
CA LYS A 311 -22.49 30.57 -19.89
C LYS A 311 -21.50 29.81 -20.76
N CYS A 312 -21.54 28.49 -20.66
CA CYS A 312 -20.88 27.65 -21.63
C CYS A 312 -21.60 26.33 -21.74
N GLU A 313 -21.46 25.69 -22.89
CA GLU A 313 -22.09 24.41 -23.15
C GLU A 313 -21.07 23.50 -23.81
N SER A 314 -20.89 22.31 -23.25
CA SER A 314 -19.90 21.36 -23.74
C SER A 314 -20.53 20.00 -23.93
N ASN A 315 -19.82 19.11 -24.62
CA ASN A 315 -20.23 17.72 -24.73
C ASN A 315 -19.31 16.85 -23.88
N ILE A 316 -19.91 16.07 -22.97
CA ILE A 316 -19.15 15.05 -22.26
C ILE A 316 -18.91 13.92 -23.26
N THR A 317 -17.65 13.62 -23.52
CA THR A 317 -17.30 12.63 -24.52
C THR A 317 -16.52 11.48 -23.89
N GLY A 318 -16.20 11.62 -22.61
CA GLY A 318 -15.46 10.58 -21.90
C GLY A 318 -15.40 10.81 -20.41
N LEU A 319 -14.87 9.82 -19.70
CA LEU A 319 -14.73 9.89 -18.26
C LEU A 319 -13.34 9.46 -17.84
N LEU A 320 -12.90 9.99 -16.72
CA LEU A 320 -11.71 9.54 -16.04
C LEU A 320 -12.15 8.92 -14.73
N LEU A 321 -11.99 7.60 -14.61
CA LEU A 321 -12.43 6.89 -13.43
C LEU A 321 -11.29 6.16 -12.74
N THR A 322 -11.49 5.88 -11.46
CA THR A 322 -10.67 4.91 -10.76
C THR A 322 -11.60 3.85 -10.19
N ARG A 323 -11.03 2.70 -9.86
CA ARG A 323 -11.79 1.61 -9.27
C ARG A 323 -11.24 1.29 -7.89
N ASP A 324 -12.13 1.08 -6.93
CA ASP A 324 -11.71 0.67 -5.59
C ASP A 324 -11.01 -0.69 -5.64
N GLY A 325 -10.02 -0.86 -4.77
CA GLY A 325 -9.35 -2.14 -4.62
C GLY A 325 -10.05 -3.02 -3.60
N GLY A 326 -9.34 -4.06 -3.16
CA GLY A 326 -9.85 -4.93 -2.11
C GLY A 326 -9.43 -6.37 -2.31
N LYS A 327 -9.11 -7.05 -1.22
CA LYS A 327 -8.63 -8.43 -1.30
C LYS A 327 -9.74 -9.47 -1.15
N ASP A 328 -11.00 -9.03 -1.05
CA ASP A 328 -12.05 -9.95 -0.65
C ASP A 328 -13.36 -9.85 -1.42
N ASN A 329 -13.58 -8.77 -2.14
CA ASN A 329 -14.92 -8.48 -2.63
C ASN A 329 -15.29 -9.16 -3.95
N ASN A 330 -16.22 -10.11 -3.87
CA ASN A 330 -17.00 -10.49 -5.01
C ASN A 330 -18.32 -9.74 -4.90
N VAL A 331 -19.24 -10.00 -5.83
CA VAL A 331 -20.52 -9.31 -5.87
C VAL A 331 -20.42 -7.98 -6.64
N ASN A 332 -19.60 -7.04 -6.16
CA ASN A 332 -19.54 -5.72 -6.82
C ASN A 332 -18.17 -5.07 -7.02
N GLU A 333 -18.15 -4.07 -7.91
CA GLU A 333 -16.99 -3.23 -8.14
C GLU A 333 -17.46 -1.79 -8.03
N THR A 334 -16.62 -0.94 -7.46
CA THR A 334 -16.98 0.46 -7.27
C THR A 334 -16.03 1.36 -8.04
N PHE A 335 -16.61 2.30 -8.77
CA PHE A 335 -15.85 3.24 -9.57
C PHE A 335 -16.15 4.67 -9.14
N ARG A 336 -15.12 5.51 -9.18
CA ARG A 336 -15.22 6.90 -8.74
C ARG A 336 -14.57 7.80 -9.78
N PRO A 337 -15.08 9.02 -9.93
CA PRO A 337 -14.44 9.93 -10.88
C PRO A 337 -13.05 10.36 -10.40
N GLY A 338 -12.17 10.60 -11.35
CA GLY A 338 -10.80 10.96 -11.01
C GLY A 338 -10.18 11.89 -12.04
N GLY A 339 -8.87 11.78 -12.18
CA GLY A 339 -8.11 12.65 -13.07
C GLY A 339 -7.18 13.54 -12.27
N GLY A 340 -6.76 14.64 -12.89
CA GLY A 340 -5.83 15.57 -12.28
C GLY A 340 -4.52 15.72 -13.03
N ASP A 341 -4.05 14.63 -13.64
CA ASP A 341 -2.88 14.65 -14.51
C ASP A 341 -3.36 14.84 -15.94
N MET A 342 -3.15 16.03 -16.50
CA MET A 342 -3.71 16.34 -17.79
C MET A 342 -3.09 15.52 -18.92
N ARG A 343 -1.98 14.85 -18.63
CA ARG A 343 -1.41 13.95 -19.60
C ARG A 343 -2.41 12.85 -19.96
N ASP A 344 -3.24 12.45 -19.00
CA ASP A 344 -4.25 11.45 -19.30
C ASP A 344 -5.30 12.01 -20.25
N ASN A 345 -5.62 13.30 -20.11
CA ASN A 345 -6.48 13.95 -21.10
C ASN A 345 -5.89 13.88 -22.49
N TRP A 346 -4.60 14.19 -22.63
CA TRP A 346 -3.99 14.17 -23.96
C TRP A 346 -3.95 12.73 -24.48
N ARG A 347 -3.66 11.78 -23.58
CA ARG A 347 -3.63 10.35 -23.93
C ARG A 347 -4.95 9.88 -24.53
N SER A 348 -6.06 10.41 -24.02
CA SER A 348 -7.38 9.98 -24.47
C SER A 348 -7.58 10.30 -25.96
N GLU A 349 -6.78 11.23 -26.49
CA GLU A 349 -6.81 11.58 -27.90
C GLU A 349 -5.64 11.02 -28.71
N LEU A 350 -4.49 10.88 -28.07
CA LEU A 350 -3.26 10.51 -28.78
C LEU A 350 -2.98 9.01 -28.80
N TYR A 351 -3.85 8.21 -28.19
CA TYR A 351 -3.61 6.79 -28.00
C TYR A 351 -3.32 6.03 -29.30
N LYS A 352 -3.85 6.53 -30.41
CA LYS A 352 -3.76 5.79 -31.67
C LYS A 352 -2.55 6.19 -32.51
N TYR A 353 -1.72 7.09 -31.98
CA TYR A 353 -0.55 7.55 -32.71
C TYR A 353 0.77 7.17 -32.05
N LYS A 354 1.80 6.96 -32.87
CA LYS A 354 3.16 6.85 -32.37
C LYS A 354 4.15 7.36 -33.40
N VAL A 355 5.28 7.88 -32.92
CA VAL A 355 6.31 8.40 -33.81
C VAL A 355 7.32 7.33 -34.16
N VAL A 356 7.75 7.30 -35.42
CA VAL A 356 8.83 6.43 -35.84
C VAL A 356 9.88 7.20 -36.64
N GLU A 357 11.11 6.70 -36.63
CA GLU A 357 12.18 7.27 -37.43
C GLU A 357 12.43 6.41 -38.66
N ILE A 358 12.85 7.05 -39.75
CA ILE A 358 13.07 6.37 -41.01
C ILE A 358 14.55 6.06 -41.21
N GLU A 359 14.83 4.89 -41.77
CA GLU A 359 16.17 4.50 -42.16
C GLU A 359 17.08 5.70 -42.41
N VAL B 2 16.44 7.06 -0.90
CA VAL B 2 15.03 7.13 -0.56
C VAL B 2 14.86 6.72 0.89
N GLN B 3 14.14 7.53 1.65
CA GLN B 3 14.06 7.33 3.09
C GLN B 3 12.73 7.86 3.61
N PHE B 4 12.16 7.13 4.57
CA PHE B 4 10.91 7.50 5.20
C PHE B 4 11.10 7.39 6.70
N VAL B 5 10.81 8.47 7.41
CA VAL B 5 10.90 8.50 8.86
C VAL B 5 9.50 8.71 9.45
N GLN B 6 9.05 7.74 10.23
CA GLN B 6 7.70 7.77 10.77
C GLN B 6 7.68 8.25 12.23
N SER B 7 6.51 8.68 12.68
CA SER B 7 6.32 9.11 14.05
C SER B 7 6.36 7.93 15.02
N GLY B 8 6.42 8.25 16.31
CA GLY B 8 6.60 7.25 17.34
C GLY B 8 5.38 6.41 17.69
N ALA B 9 5.60 5.42 18.53
CA ALA B 9 4.56 4.50 18.92
C ALA B 9 3.38 5.20 19.57
N GLU B 10 2.20 4.62 19.36
CA GLU B 10 0.95 5.13 19.87
C GLU B 10 0.23 4.05 20.68
N VAL B 11 -0.46 4.47 21.74
CA VAL B 11 -1.27 3.56 22.54
C VAL B 11 -2.65 4.20 22.71
N LYS B 12 -3.70 3.43 22.42
CA LYS B 12 -5.06 3.96 22.33
C LYS B 12 -6.09 3.02 22.92
N LYS B 13 -7.20 3.61 23.39
CA LYS B 13 -8.37 2.86 23.82
C LYS B 13 -9.29 2.65 22.63
N PRO B 14 -10.12 1.60 22.66
CA PRO B 14 -11.09 1.39 21.59
C PRO B 14 -11.98 2.63 21.38
N GLY B 15 -12.21 3.00 20.12
CA GLY B 15 -13.06 4.12 19.78
C GLY B 15 -12.28 5.40 19.55
N ALA B 16 -11.00 5.37 19.92
CA ALA B 16 -10.13 6.53 19.80
C ALA B 16 -9.60 6.67 18.36
N SER B 17 -8.79 7.68 18.15
CA SER B 17 -8.23 7.99 16.82
C SER B 17 -6.72 8.08 16.88
N VAL B 18 -6.06 7.83 15.75
CA VAL B 18 -4.62 7.98 15.68
C VAL B 18 -4.20 8.68 14.38
N ARG B 19 -3.12 9.44 14.46
CA ARG B 19 -2.47 10.02 13.30
C ARG B 19 -1.01 9.58 13.30
N VAL B 20 -0.59 8.97 12.19
CA VAL B 20 0.79 8.57 12.00
C VAL B 20 1.37 9.38 10.86
N SER B 21 2.58 9.93 11.05
CA SER B 21 3.23 10.69 9.99
C SER B 21 4.37 9.92 9.36
N CYS B 22 4.72 10.32 8.14
CA CYS B 22 5.72 9.66 7.33
C CYS B 22 6.49 10.73 6.56
N GLU B 23 7.70 11.05 7.01
CA GLU B 23 8.52 12.08 6.38
C GLU B 23 9.35 11.48 5.26
N ALA B 24 9.07 11.91 4.03
CA ALA B 24 9.76 11.44 2.83
C ALA B 24 10.98 12.28 2.50
N SER B 25 12.03 11.63 2.01
CA SER B 25 13.19 12.33 1.47
C SER B 25 13.93 11.46 0.45
N GLY B 26 14.77 12.10 -0.36
CA GLY B 26 15.67 11.39 -1.25
C GLY B 26 15.11 11.08 -2.63
N TYR B 27 13.91 11.59 -2.93
CA TYR B 27 13.28 11.38 -4.23
C TYR B 27 12.20 12.43 -4.47
N SER B 28 11.64 12.44 -5.68
CA SER B 28 10.60 13.39 -6.04
C SER B 28 9.24 12.96 -5.47
N PHE B 29 8.90 13.52 -4.31
CA PHE B 29 7.72 13.13 -3.53
C PHE B 29 6.42 13.05 -4.34
N THR B 30 6.21 13.98 -5.27
CA THR B 30 4.95 14.00 -6.00
C THR B 30 4.86 13.05 -7.20
N ASP B 31 5.93 12.34 -7.51
CA ASP B 31 5.92 11.50 -8.71
C ASP B 31 5.70 10.01 -8.41
N TYR B 32 5.52 9.67 -7.14
CA TYR B 32 5.33 8.28 -6.75
C TYR B 32 4.13 8.09 -5.85
N VAL B 33 3.38 7.03 -6.11
CA VAL B 33 2.36 6.56 -5.19
C VAL B 33 3.00 6.18 -3.89
N LEU B 34 2.40 6.64 -2.78
CA LEU B 34 2.85 6.26 -1.46
C LEU B 34 1.84 5.31 -0.84
N GLN B 35 2.31 4.13 -0.46
CA GLN B 35 1.46 3.05 0.03
C GLN B 35 1.49 2.99 1.56
N TRP B 36 0.36 2.64 2.15
CA TRP B 36 0.27 2.39 3.58
C TRP B 36 -0.12 0.94 3.80
N ILE B 37 0.69 0.26 4.59
CA ILE B 37 0.58 -1.17 4.85
C ILE B 37 0.68 -1.38 6.36
N ARG B 38 -0.12 -2.29 6.90
CA ARG B 38 0.04 -2.67 8.31
C ARG B 38 0.30 -4.15 8.42
N GLN B 39 0.84 -4.56 9.55
CA GLN B 39 1.00 -5.98 9.81
C GLN B 39 0.74 -6.23 11.28
N ALA B 40 -0.32 -6.97 11.53
CA ALA B 40 -0.71 -7.35 12.89
C ALA B 40 0.01 -8.62 13.31
N PRO B 41 0.10 -8.86 14.62
CA PRO B 41 0.82 -10.05 15.09
C PRO B 41 0.27 -11.35 14.50
N GLY B 42 1.17 -12.16 13.94
CA GLY B 42 0.82 -13.45 13.37
C GLY B 42 0.04 -13.39 12.07
N GLN B 43 -0.06 -12.19 11.48
CA GLN B 43 -0.85 -11.99 10.28
C GLN B 43 0.02 -11.59 9.09
N ARG B 44 -0.48 -11.85 7.89
CA ARG B 44 0.16 -11.33 6.69
C ARG B 44 0.04 -9.80 6.59
N PRO B 45 0.84 -9.18 5.71
CA PRO B 45 0.72 -7.74 5.49
C PRO B 45 -0.64 -7.38 4.96
N GLU B 46 -1.17 -6.21 5.35
CA GLU B 46 -2.49 -5.78 4.92
C GLU B 46 -2.42 -4.36 4.38
N TRP B 47 -2.89 -4.20 3.15
CA TRP B 47 -2.94 -2.89 2.51
C TRP B 47 -4.00 -2.02 3.14
N MET B 48 -3.62 -0.79 3.52
CA MET B 48 -4.56 0.19 4.07
C MET B 48 -5.12 1.08 2.97
N GLY B 49 -4.23 1.58 2.12
CA GLY B 49 -4.60 2.52 1.08
C GLY B 49 -3.37 3.18 0.53
N TRP B 50 -3.55 4.02 -0.49
CA TRP B 50 -2.44 4.82 -1.02
C TRP B 50 -2.83 6.27 -1.23
N ILE B 51 -1.82 7.10 -1.39
CA ILE B 51 -2.03 8.47 -1.76
C ILE B 51 -1.02 8.86 -2.84
N LYS B 52 -1.49 9.66 -3.79
CA LYS B 52 -0.64 10.25 -4.84
C LYS B 52 -0.44 11.71 -4.46
N PRO B 53 0.76 12.05 -3.96
CA PRO B 53 0.91 13.40 -3.36
C PRO B 53 0.70 14.61 -4.27
N GLU B 54 0.78 14.50 -5.60
CA GLU B 54 0.70 15.71 -6.42
C GLU B 54 -0.59 16.47 -6.15
N ARG B 55 -1.73 15.78 -6.20
CA ARG B 55 -3.01 16.40 -5.93
C ARG B 55 -3.78 15.71 -4.81
N GLY B 56 -3.13 14.77 -4.14
CA GLY B 56 -3.72 14.11 -2.98
C GLY B 56 -4.78 13.06 -3.28
N ALA B 57 -4.81 12.53 -4.51
CA ALA B 57 -5.75 11.46 -4.82
C ALA B 57 -5.46 10.27 -3.92
N VAL B 58 -6.50 9.51 -3.57
CA VAL B 58 -6.37 8.42 -2.63
C VAL B 58 -7.15 7.19 -3.06
N SER B 59 -6.81 6.06 -2.43
CA SER B 59 -7.59 4.85 -2.51
C SER B 59 -7.54 4.17 -1.15
N TYR B 60 -8.69 3.74 -0.65
CA TYR B 60 -8.76 3.17 0.68
C TYR B 60 -9.30 1.75 0.58
N ALA B 61 -8.69 0.82 1.28
CA ALA B 61 -9.21 -0.56 1.28
C ALA B 61 -10.63 -0.51 1.83
N PRO B 62 -11.53 -1.31 1.25
CA PRO B 62 -12.95 -1.17 1.60
C PRO B 62 -13.25 -1.37 3.09
N GLN B 63 -12.48 -2.23 3.73
CA GLN B 63 -12.74 -2.54 5.12
C GLN B 63 -12.40 -1.38 6.06
N PHE B 64 -11.73 -0.35 5.54
CA PHE B 64 -11.38 0.82 6.35
C PHE B 64 -12.11 2.06 5.88
N GLN B 65 -12.91 1.96 4.82
CA GLN B 65 -13.65 3.12 4.33
C GLN B 65 -14.63 3.60 5.40
N GLY B 66 -14.56 4.89 5.69
CA GLY B 66 -15.38 5.46 6.74
C GLY B 66 -14.58 5.83 7.99
N ARG B 67 -13.38 5.27 8.16
CA ARG B 67 -12.54 5.66 9.29
C ARG B 67 -11.08 5.89 8.96
N LEU B 68 -10.72 5.81 7.68
CA LEU B 68 -9.34 6.03 7.25
C LEU B 68 -9.28 7.23 6.31
N THR B 69 -8.35 8.13 6.56
CA THR B 69 -8.09 9.21 5.62
C THR B 69 -6.58 9.36 5.46
N LEU B 70 -6.14 9.63 4.24
CA LEU B 70 -4.73 9.85 3.97
C LEU B 70 -4.57 11.26 3.42
N THR B 71 -3.62 12.00 3.97
CA THR B 71 -3.32 13.34 3.48
C THR B 71 -1.82 13.53 3.32
N ARG B 72 -1.45 14.72 2.82
CA ARG B 72 -0.04 15.07 2.70
C ARG B 72 0.18 16.56 2.86
N ASP B 73 1.42 16.91 3.19
CA ASP B 73 1.89 18.28 3.25
C ASP B 73 3.07 18.39 2.29
N LEU B 74 2.88 19.12 1.20
CA LEU B 74 3.89 19.17 0.15
C LEU B 74 5.09 20.04 0.52
N TYR B 75 4.91 20.94 1.47
CA TYR B 75 5.99 21.84 1.87
C TYR B 75 7.02 21.09 2.71
N THR B 76 6.54 20.19 3.56
CA THR B 76 7.43 19.39 4.40
C THR B 76 7.60 17.99 3.85
N GLU B 77 6.94 17.68 2.74
CA GLU B 77 6.98 16.35 2.14
C GLU B 77 6.73 15.24 3.16
N THR B 78 5.64 15.40 3.88
CA THR B 78 5.22 14.45 4.89
C THR B 78 3.81 13.97 4.57
N ALA B 79 3.61 12.67 4.66
CA ALA B 79 2.29 12.06 4.46
C ALA B 79 1.74 11.66 5.83
N TYR B 80 0.42 11.65 5.93
CA TYR B 80 -0.24 11.34 7.19
C TYR B 80 -1.33 10.30 7.01
N MET B 81 -1.42 9.39 7.97
CA MET B 81 -2.51 8.41 8.04
C MET B 81 -3.38 8.74 9.25
N HIS B 82 -4.66 9.01 9.00
CA HIS B 82 -5.62 9.30 10.05
C HIS B 82 -6.57 8.11 10.14
N PHE B 83 -6.65 7.49 11.30
CA PHE B 83 -7.36 6.22 11.45
C PHE B 83 -8.18 6.33 12.73
N LYS B 84 -9.51 6.29 12.59
CA LYS B 84 -10.40 6.57 13.70
C LYS B 84 -11.29 5.37 14.05
N ASN B 85 -12.11 5.54 15.08
CA ASN B 85 -12.98 4.48 15.58
C ASN B 85 -12.21 3.18 15.77
N LEU B 86 -11.09 3.25 16.47
CA LEU B 86 -10.14 2.15 16.52
C LEU B 86 -10.69 0.95 17.29
N ARG B 87 -10.28 -0.24 16.87
CA ARG B 87 -10.67 -1.47 17.54
C ARG B 87 -9.43 -2.26 17.93
N SER B 88 -9.59 -3.20 18.85
CA SER B 88 -8.43 -3.94 19.35
C SER B 88 -7.66 -4.65 18.23
N ASP B 89 -8.36 -5.15 17.22
CA ASP B 89 -7.65 -5.84 16.15
C ASP B 89 -7.02 -4.87 15.12
N ASP B 90 -7.04 -3.58 15.41
CA ASP B 90 -6.22 -2.61 14.69
C ASP B 90 -4.80 -2.57 15.26
N THR B 91 -4.57 -3.31 16.33
CA THR B 91 -3.22 -3.39 16.90
C THR B 91 -2.27 -3.98 15.86
N ALA B 92 -1.25 -3.21 15.48
CA ALA B 92 -0.36 -3.61 14.38
C ALA B 92 0.78 -2.64 14.26
N ILE B 93 1.79 -3.02 13.48
CA ILE B 93 2.78 -2.08 13.00
C ILE B 93 2.29 -1.48 11.70
N TYR B 94 2.28 -0.15 11.64
CA TYR B 94 1.85 0.60 10.46
C TYR B 94 3.06 1.18 9.73
N TYR B 95 3.08 0.99 8.42
CA TYR B 95 4.17 1.46 7.57
C TYR B 95 3.70 2.34 6.42
N CYS B 96 4.52 3.31 6.05
CA CYS B 96 4.43 3.91 4.73
C CYS B 96 5.55 3.30 3.90
N ALA B 97 5.34 3.15 2.60
CA ALA B 97 6.32 2.53 1.75
C ALA B 97 6.16 2.98 0.31
N ARG B 98 7.19 2.75 -0.50
CA ARG B 98 7.18 3.18 -1.89
C ARG B 98 7.70 2.08 -2.82
N GLY B 99 7.16 2.05 -4.02
CA GLY B 99 7.57 1.05 -4.99
C GLY B 99 8.93 1.26 -5.62
N VAL B 100 9.38 0.23 -6.32
CA VAL B 100 10.69 0.23 -6.98
C VAL B 100 10.79 1.31 -8.04
N ARG B 101 9.68 1.51 -8.74
CA ARG B 101 9.63 2.45 -9.87
C ARG B 101 8.30 3.19 -9.84
N ARG B 102 8.23 4.30 -10.58
CA ARG B 102 7.01 5.09 -10.64
C ARG B 102 5.84 4.25 -11.19
N ASP B 103 6.13 3.37 -12.14
CA ASP B 103 5.09 2.52 -12.70
C ASP B 103 5.09 1.11 -12.08
N ALA B 104 5.63 1.01 -10.87
CA ALA B 104 5.54 -0.23 -10.10
C ALA B 104 5.20 0.13 -8.67
N SER B 105 3.97 0.58 -8.46
CA SER B 105 3.60 1.20 -7.20
C SER B 105 3.37 0.21 -6.06
N TRP B 106 3.32 -1.08 -6.38
CA TRP B 106 3.00 -2.11 -5.38
C TRP B 106 4.21 -2.90 -4.87
N TRP B 107 5.30 -2.86 -5.61
CA TRP B 107 6.48 -3.66 -5.28
C TRP B 107 7.36 -2.82 -4.36
N LEU B 108 7.19 -3.03 -3.05
CA LEU B 108 7.68 -2.09 -2.05
C LEU B 108 9.15 -2.28 -1.66
N GLN B 109 10.00 -1.47 -2.27
CA GLN B 109 11.42 -1.54 -2.04
C GLN B 109 11.83 -0.72 -0.80
N PHE B 110 11.12 0.37 -0.56
CA PHE B 110 11.52 1.35 0.44
C PHE B 110 10.43 1.51 1.48
N TRP B 111 10.80 1.30 2.75
CA TRP B 111 9.84 1.30 3.84
C TRP B 111 10.26 2.26 4.93
N GLY B 112 9.29 2.90 5.56
CA GLY B 112 9.50 3.59 6.82
C GLY B 112 9.82 2.54 7.87
N GLN B 113 10.21 2.99 9.05
CA GLN B 113 10.69 2.09 10.09
C GLN B 113 9.54 1.42 10.84
N GLY B 114 8.33 1.88 10.55
CA GLY B 114 7.13 1.35 11.14
C GLY B 114 6.73 2.11 12.38
N THR B 115 5.44 2.09 12.67
CA THR B 115 4.87 2.70 13.86
C THR B 115 3.95 1.70 14.52
N LEU B 116 4.28 1.31 15.75
CA LEU B 116 3.40 0.46 16.53
C LEU B 116 2.21 1.26 17.03
N VAL B 117 1.02 0.78 16.73
CA VAL B 117 -0.21 1.32 17.32
C VAL B 117 -0.87 0.17 18.06
N THR B 118 -0.97 0.32 19.38
CA THR B 118 -1.64 -0.66 20.21
C THR B 118 -2.99 -0.10 20.62
N VAL B 119 -4.02 -0.91 20.39
CA VAL B 119 -5.38 -0.54 20.78
C VAL B 119 -5.94 -1.59 21.71
N SER B 120 -6.30 -1.17 22.91
CA SER B 120 -6.77 -2.06 23.95
C SER B 120 -7.48 -1.28 25.04
N SER B 121 -8.34 -1.95 25.79
CA SER B 121 -8.94 -1.32 26.95
C SER B 121 -7.98 -1.25 28.13
N ALA B 122 -6.83 -1.93 28.00
CA ALA B 122 -5.80 -1.89 29.03
C ALA B 122 -5.18 -0.50 29.15
N SER B 123 -4.57 -0.25 30.29
CA SER B 123 -3.87 1.00 30.53
C SER B 123 -2.38 0.75 30.68
N THR B 124 -1.58 1.72 30.23
CA THR B 124 -0.13 1.65 30.33
C THR B 124 0.29 1.27 31.76
N LYS B 125 1.18 0.27 31.84
CA LYS B 125 1.64 -0.28 33.12
C LYS B 125 3.01 -0.94 32.94
N GLY B 126 3.94 -0.62 33.84
CA GLY B 126 5.24 -1.24 33.84
C GLY B 126 5.19 -2.66 34.39
N PRO B 127 6.18 -3.47 34.04
CA PRO B 127 6.24 -4.87 34.47
C PRO B 127 6.64 -5.07 35.92
N SER B 128 6.19 -6.19 36.48
CA SER B 128 6.81 -6.73 37.66
C SER B 128 7.87 -7.71 37.16
N VAL B 129 9.02 -7.74 37.82
CA VAL B 129 10.10 -8.63 37.40
C VAL B 129 10.43 -9.59 38.52
N PHE B 130 10.25 -10.88 38.26
CA PHE B 130 10.43 -11.90 39.27
C PHE B 130 11.55 -12.83 38.87
N PRO B 131 12.21 -13.45 39.86
CA PRO B 131 13.33 -14.32 39.51
C PRO B 131 12.92 -15.71 39.06
N LEU B 132 13.64 -16.23 38.09
CA LEU B 132 13.64 -17.64 37.77
C LEU B 132 14.98 -18.15 38.30
N ALA B 133 14.96 -18.59 39.54
CA ALA B 133 16.19 -18.86 40.28
C ALA B 133 16.80 -20.18 39.85
N PRO B 134 18.13 -20.22 39.77
CA PRO B 134 18.82 -21.47 39.41
C PRO B 134 18.53 -22.53 40.45
N SER B 135 18.21 -23.74 39.97
CA SER B 135 17.85 -24.85 40.84
C SER B 135 18.98 -25.28 41.77
N SER B 136 18.62 -25.65 42.99
CA SER B 136 19.58 -26.17 43.96
C SER B 136 20.13 -27.53 43.54
N LYS B 137 19.47 -28.13 42.55
CA LYS B 137 19.89 -29.43 42.02
C LYS B 137 20.73 -29.28 40.75
N SER B 138 21.11 -28.05 40.42
CA SER B 138 21.96 -27.80 39.26
C SER B 138 23.15 -28.75 39.29
N THR B 139 23.42 -29.39 38.16
CA THR B 139 24.46 -30.39 38.05
C THR B 139 25.83 -29.81 38.38
N SER B 140 26.50 -30.39 39.38
CA SER B 140 27.82 -29.94 39.77
C SER B 140 28.79 -30.00 38.58
N GLY B 141 29.46 -28.88 38.31
CA GLY B 141 30.42 -28.82 37.22
C GLY B 141 29.75 -28.89 35.87
N GLY B 142 28.43 -28.67 35.86
CA GLY B 142 27.64 -28.76 34.65
C GLY B 142 27.08 -27.41 34.26
N THR B 143 25.85 -27.42 33.78
CA THR B 143 25.19 -26.20 33.31
C THR B 143 23.90 -25.91 34.06
N ALA B 144 23.74 -24.64 34.45
CA ALA B 144 22.57 -24.18 35.18
C ALA B 144 21.77 -23.20 34.34
N ALA B 145 20.49 -23.08 34.63
CA ALA B 145 19.65 -22.11 33.96
C ALA B 145 19.04 -21.18 34.99
N LEU B 146 18.99 -19.90 34.65
CA LEU B 146 18.33 -18.90 35.48
C LEU B 146 17.68 -17.87 34.56
N GLY B 147 16.88 -16.97 35.12
CA GLY B 147 16.18 -16.03 34.28
C GLY B 147 15.38 -15.00 35.04
N CYS B 148 14.63 -14.21 34.29
CA CYS B 148 13.72 -13.20 34.83
C CYS B 148 12.39 -13.33 34.12
N LEU B 149 11.33 -13.29 34.92
CA LEU B 149 9.97 -13.31 34.43
C LEU B 149 9.47 -11.86 34.46
N VAL B 150 9.17 -11.32 33.29
CA VAL B 150 8.79 -9.94 33.12
C VAL B 150 7.28 -9.91 32.88
N LYS B 151 6.53 -9.68 33.95
CA LYS B 151 5.11 -9.99 33.96
C LYS B 151 4.22 -8.77 34.04
N ASP B 152 3.11 -8.82 33.30
CA ASP B 152 2.01 -7.88 33.45
C ASP B 152 2.36 -6.44 33.06
N TYR B 153 2.80 -6.24 31.82
CA TYR B 153 3.09 -4.90 31.35
C TYR B 153 2.22 -4.57 30.14
N PHE B 154 2.13 -3.28 29.82
CA PHE B 154 1.34 -2.85 28.68
C PHE B 154 1.74 -1.42 28.33
N PRO B 155 1.90 -1.12 27.04
CA PRO B 155 1.87 -1.98 25.86
C PRO B 155 3.25 -2.59 25.59
N GLU B 156 3.39 -3.31 24.48
CA GLU B 156 4.72 -3.65 24.00
C GLU B 156 5.44 -2.37 23.64
N PRO B 157 6.78 -2.38 23.60
CA PRO B 157 7.66 -3.52 23.86
C PRO B 157 8.48 -3.38 25.13
N VAL B 158 9.16 -4.48 25.47
CA VAL B 158 10.13 -4.53 26.54
C VAL B 158 11.44 -5.03 25.94
N THR B 159 12.56 -4.51 26.42
CA THR B 159 13.85 -5.08 26.06
C THR B 159 14.52 -5.60 27.32
N VAL B 160 15.36 -6.61 27.16
CA VAL B 160 16.04 -7.23 28.30
C VAL B 160 17.49 -7.45 27.95
N SER B 161 18.39 -7.07 28.86
CA SER B 161 19.79 -7.44 28.75
C SER B 161 20.22 -8.13 30.05
N TRP B 162 21.40 -8.73 30.04
CA TRP B 162 21.99 -9.32 31.24
C TRP B 162 23.33 -8.68 31.56
N ASN B 163 23.54 -8.39 32.85
CA ASN B 163 24.75 -7.72 33.31
C ASN B 163 25.15 -6.52 32.44
N SER B 164 24.17 -5.69 32.14
CA SER B 164 24.37 -4.43 31.42
C SER B 164 24.92 -4.66 30.01
N GLY B 165 24.63 -5.84 29.45
CA GLY B 165 25.11 -6.20 28.12
C GLY B 165 26.36 -7.06 28.12
N ALA B 166 26.95 -7.31 29.28
CA ALA B 166 28.21 -8.06 29.38
C ALA B 166 27.97 -9.56 29.22
N LEU B 167 26.74 -10.00 29.45
CA LEU B 167 26.37 -11.39 29.30
C LEU B 167 25.38 -11.53 28.15
N THR B 168 25.84 -12.14 27.07
CA THR B 168 24.99 -12.31 25.90
C THR B 168 24.91 -13.76 25.42
N SER B 169 25.97 -14.52 25.61
CA SER B 169 25.95 -15.90 25.13
C SER B 169 25.05 -16.73 26.04
N GLY B 170 24.25 -17.59 25.42
CA GLY B 170 23.39 -18.49 26.14
C GLY B 170 22.07 -17.86 26.55
N VAL B 171 21.85 -16.60 26.18
CA VAL B 171 20.61 -15.90 26.53
C VAL B 171 19.50 -16.20 25.52
N HIS B 172 18.30 -16.49 26.04
CA HIS B 172 17.10 -16.55 25.22
C HIS B 172 16.03 -15.66 25.84
N THR B 173 15.73 -14.58 25.14
CA THR B 173 14.65 -13.70 25.55
C THR B 173 13.45 -14.01 24.65
N PHE B 174 12.40 -14.54 25.26
CA PHE B 174 11.26 -15.03 24.51
C PHE B 174 10.35 -13.92 24.02
N PRO B 175 9.70 -14.15 22.88
CA PRO B 175 8.61 -13.28 22.42
C PRO B 175 7.52 -13.18 23.48
N ALA B 176 6.95 -12.00 23.66
CA ALA B 176 5.92 -11.82 24.67
C ALA B 176 4.67 -12.58 24.28
N VAL B 177 3.87 -12.93 25.28
CA VAL B 177 2.52 -13.41 25.05
C VAL B 177 1.56 -12.40 25.66
N LEU B 178 0.37 -12.35 25.10
CA LEU B 178 -0.70 -11.52 25.59
C LEU B 178 -1.62 -12.39 26.45
N GLN B 179 -1.78 -12.01 27.70
CA GLN B 179 -2.63 -12.76 28.63
C GLN B 179 -4.10 -12.37 28.48
N SER B 180 -5.00 -13.23 28.95
CA SER B 180 -6.43 -12.93 28.87
C SER B 180 -6.78 -11.65 29.63
N SER B 181 -5.91 -11.24 30.54
CA SER B 181 -6.10 -9.98 31.28
C SER B 181 -5.88 -8.75 30.41
N GLY B 182 -5.24 -8.93 29.26
CA GLY B 182 -4.90 -7.82 28.40
C GLY B 182 -3.49 -7.28 28.62
N LEU B 183 -2.78 -7.89 29.55
CA LEU B 183 -1.39 -7.51 29.80
C LEU B 183 -0.42 -8.53 29.19
N TYR B 184 0.78 -8.06 28.85
CA TYR B 184 1.80 -8.91 28.25
C TYR B 184 2.72 -9.46 29.31
N SER B 185 3.42 -10.55 28.96
CA SER B 185 4.43 -11.15 29.81
C SER B 185 5.46 -11.82 28.92
N LEU B 186 6.72 -11.78 29.33
CA LEU B 186 7.74 -12.61 28.69
C LEU B 186 8.75 -13.07 29.72
N SER B 187 9.56 -14.05 29.35
CA SER B 187 10.70 -14.43 30.20
C SER B 187 11.99 -14.26 29.40
N SER B 188 13.08 -14.00 30.12
CA SER B 188 14.42 -14.07 29.57
C SER B 188 15.23 -15.04 30.44
N VAL B 189 15.90 -15.98 29.82
CA VAL B 189 16.65 -16.99 30.55
C VAL B 189 18.06 -17.04 29.99
N VAL B 190 18.97 -17.61 30.78
CA VAL B 190 20.34 -17.77 30.35
C VAL B 190 20.89 -19.02 31.01
N THR B 191 21.72 -19.75 30.28
CA THR B 191 22.41 -20.88 30.85
C THR B 191 23.85 -20.50 31.09
N VAL B 192 24.36 -20.94 32.22
CA VAL B 192 25.69 -20.57 32.69
C VAL B 192 26.30 -21.77 33.37
N PRO B 193 27.62 -21.73 33.62
CA PRO B 193 28.22 -22.85 34.34
C PRO B 193 27.72 -22.89 35.78
N SER B 194 27.37 -24.07 36.26
CA SER B 194 26.93 -24.23 37.65
C SER B 194 27.97 -23.73 38.64
N SER B 195 29.25 -23.88 38.28
CA SER B 195 30.33 -23.50 39.18
C SER B 195 30.38 -21.98 39.42
N SER B 196 29.66 -21.23 38.60
CA SER B 196 29.69 -19.77 38.66
C SER B 196 28.64 -19.20 39.61
N LEU B 197 27.67 -20.02 40.02
CA LEU B 197 26.52 -19.53 40.77
C LEU B 197 26.87 -18.92 42.13
N GLY B 198 27.98 -19.35 42.71
CA GLY B 198 28.40 -18.84 44.00
C GLY B 198 29.26 -17.60 43.93
N THR B 199 29.72 -17.25 42.72
CA THR B 199 30.71 -16.19 42.58
C THR B 199 30.34 -15.10 41.57
N GLN B 200 29.61 -15.47 40.52
CA GLN B 200 29.20 -14.49 39.51
C GLN B 200 27.84 -13.91 39.82
N THR B 201 27.75 -12.59 39.89
CA THR B 201 26.47 -11.90 39.99
C THR B 201 25.75 -11.91 38.65
N TYR B 202 24.45 -12.19 38.67
CA TYR B 202 23.62 -12.16 37.47
C TYR B 202 22.46 -11.20 37.68
N ILE B 203 22.38 -10.20 36.81
CA ILE B 203 21.34 -9.19 36.88
C ILE B 203 20.67 -9.03 35.54
N CYS B 204 19.34 -9.07 35.53
CA CYS B 204 18.63 -8.78 34.28
C CYS B 204 18.21 -7.32 34.28
N ASN B 205 18.43 -6.66 33.15
CA ASN B 205 18.08 -5.26 33.00
C ASN B 205 16.89 -5.15 32.08
N VAL B 206 15.77 -4.66 32.62
CA VAL B 206 14.52 -4.66 31.88
C VAL B 206 14.16 -3.20 31.62
N ASN B 207 13.83 -2.88 30.36
CA ASN B 207 13.41 -1.53 30.01
C ASN B 207 12.04 -1.60 29.34
N HIS B 208 11.09 -0.85 29.90
CA HIS B 208 9.75 -0.70 29.34
C HIS B 208 9.51 0.77 29.08
N LYS B 209 9.93 1.23 27.91
CA LYS B 209 9.94 2.65 27.63
C LYS B 209 8.54 3.28 27.67
N PRO B 210 7.51 2.52 27.26
CA PRO B 210 6.17 3.11 27.25
C PRO B 210 5.68 3.62 28.62
N SER B 211 6.10 2.97 29.70
CA SER B 211 5.78 3.43 31.05
C SER B 211 6.97 4.10 31.73
N ASN B 212 8.07 4.26 31.00
CA ASN B 212 9.26 4.88 31.56
C ASN B 212 9.78 4.09 32.76
N THR B 213 9.66 2.77 32.67
CA THR B 213 10.06 1.86 33.74
C THR B 213 11.35 1.13 33.36
N LYS B 214 12.36 1.26 34.21
CA LYS B 214 13.59 0.49 34.09
C LYS B 214 13.77 -0.29 35.38
N VAL B 215 14.15 -1.55 35.25
CA VAL B 215 14.36 -2.44 36.40
C VAL B 215 15.68 -3.20 36.26
N ASP B 216 16.45 -3.22 37.35
CA ASP B 216 17.62 -4.10 37.47
C ASP B 216 17.31 -5.13 38.55
N LYS B 217 17.27 -6.40 38.14
CA LYS B 217 16.86 -7.49 39.02
C LYS B 217 17.99 -8.51 39.17
N LYS B 218 18.54 -8.60 40.38
CA LYS B 218 19.55 -9.61 40.69
C LYS B 218 18.86 -10.95 40.93
N VAL B 219 19.38 -11.99 40.28
CA VAL B 219 18.83 -13.32 40.39
C VAL B 219 19.89 -14.27 40.93
N GLU B 220 19.59 -14.92 42.05
CA GLU B 220 20.55 -15.81 42.67
C GLU B 220 19.86 -17.05 43.20
N PRO B 221 20.65 -18.07 43.57
CA PRO B 221 20.08 -19.28 44.16
C PRO B 221 19.25 -18.94 45.39
N LYS B 222 18.05 -19.49 45.50
CA LYS B 222 17.17 -19.21 46.64
C LYS B 222 17.74 -19.80 47.93
N GLU C 1 -11.98 -10.16 -7.66
CA GLU C 1 -11.46 -10.85 -6.44
C GLU C 1 -10.25 -11.72 -6.80
N ILE C 2 -9.11 -11.46 -6.15
CA ILE C 2 -7.91 -12.27 -6.35
C ILE C 2 -7.49 -12.90 -5.03
N VAL C 3 -7.20 -14.21 -5.08
CA VAL C 3 -6.65 -14.93 -3.94
C VAL C 3 -5.29 -15.52 -4.31
N MET C 4 -4.27 -15.28 -3.49
CA MET C 4 -2.95 -15.85 -3.69
C MET C 4 -2.74 -16.92 -2.62
N THR C 5 -2.54 -18.16 -3.07
CA THR C 5 -2.43 -19.28 -2.15
C THR C 5 -1.02 -19.85 -2.16
N GLN C 6 -0.37 -19.78 -1.00
CA GLN C 6 1.02 -20.22 -0.88
C GLN C 6 1.10 -21.65 -0.38
N SER C 7 2.15 -22.35 -0.81
CA SER C 7 2.43 -23.68 -0.27
C SER C 7 3.90 -23.95 -0.43
N PRO C 8 4.46 -24.88 0.37
CA PRO C 8 3.81 -25.56 1.49
C PRO C 8 3.67 -24.60 2.68
N VAL C 9 3.08 -25.07 3.78
CA VAL C 9 3.00 -24.24 4.98
C VAL C 9 4.40 -23.98 5.51
N THR C 10 5.22 -25.02 5.54
CA THR C 10 6.59 -24.94 6.04
C THR C 10 7.56 -25.69 5.14
N VAL C 11 8.69 -25.04 4.84
CA VAL C 11 9.77 -25.64 4.09
C VAL C 11 10.90 -25.88 5.05
N SER C 12 11.39 -27.12 5.08
CA SER C 12 12.48 -27.52 5.96
C SER C 12 13.56 -28.17 5.12
N VAL C 13 14.66 -27.45 4.92
CA VAL C 13 15.71 -27.87 4.01
C VAL C 13 17.05 -27.76 4.72
N SER C 14 17.94 -28.74 4.49
CA SER C 14 19.23 -28.73 5.16
C SER C 14 20.05 -27.55 4.66
N ARG C 15 20.99 -27.09 5.48
CA ARG C 15 21.81 -25.96 5.10
C ARG C 15 22.53 -26.25 3.77
N GLY C 16 22.51 -25.28 2.87
CA GLY C 16 23.14 -25.44 1.57
C GLY C 16 22.20 -25.98 0.51
N GLY C 17 21.03 -26.45 0.92
CA GLY C 17 20.05 -26.98 0.00
C GLY C 17 19.21 -25.88 -0.64
N THR C 18 18.27 -26.29 -1.48
CA THR C 18 17.38 -25.36 -2.15
C THR C 18 15.95 -25.45 -1.60
N ALA C 19 15.43 -24.30 -1.18
CA ALA C 19 14.03 -24.17 -0.78
C ALA C 19 13.19 -23.70 -1.98
N THR C 20 12.10 -24.40 -2.26
CA THR C 20 11.21 -24.02 -3.34
C THR C 20 9.83 -23.68 -2.77
N LEU C 21 9.45 -22.42 -2.91
CA LEU C 21 8.18 -21.92 -2.39
C LEU C 21 7.24 -21.59 -3.54
N SER C 22 5.97 -22.00 -3.42
CA SER C 22 4.97 -21.78 -4.47
C SER C 22 3.87 -20.81 -4.06
N CYS C 23 3.34 -20.12 -5.07
CA CYS C 23 2.26 -19.17 -4.90
C CYS C 23 1.35 -19.31 -6.12
N ARG C 24 0.10 -19.69 -5.88
CA ARG C 24 -0.85 -19.85 -6.97
C ARG C 24 -1.89 -18.74 -6.96
N ALA C 25 -2.15 -18.14 -8.12
CA ALA C 25 -3.17 -17.08 -8.21
C ALA C 25 -4.50 -17.68 -8.67
N SER C 26 -5.61 -17.14 -8.16
CA SER C 26 -6.93 -17.65 -8.47
C SER C 26 -7.38 -17.30 -9.89
N GLN C 27 -6.71 -16.31 -10.48
CA GLN C 27 -6.92 -15.96 -11.88
C GLN C 27 -5.61 -15.44 -12.47
N GLY C 28 -5.53 -15.38 -13.80
CA GLY C 28 -4.31 -14.94 -14.45
C GLY C 28 -3.92 -13.51 -14.11
N VAL C 29 -2.64 -13.33 -13.76
CA VAL C 29 -2.13 -12.03 -13.35
C VAL C 29 -0.81 -11.67 -14.05
N GLY C 30 -0.55 -12.29 -15.21
CA GLY C 30 0.66 -12.04 -15.96
C GLY C 30 1.93 -12.23 -15.15
N SER C 31 2.81 -11.23 -15.18
CA SER C 31 4.03 -11.24 -14.38
C SER C 31 3.93 -10.43 -13.08
N ASP C 32 2.73 -9.97 -12.73
CA ASP C 32 2.55 -8.97 -11.67
C ASP C 32 2.47 -9.58 -10.26
N VAL C 33 3.60 -10.11 -9.82
CA VAL C 33 3.73 -10.75 -8.51
C VAL C 33 5.07 -10.33 -7.89
N ALA C 34 5.09 -10.17 -6.57
CA ALA C 34 6.32 -9.90 -5.85
C ALA C 34 6.45 -10.84 -4.65
N TRP C 35 7.66 -10.93 -4.10
CA TRP C 35 7.94 -11.74 -2.92
C TRP C 35 8.68 -10.93 -1.86
N TYR C 36 8.33 -11.16 -0.60
CA TYR C 36 8.96 -10.52 0.54
C TYR C 36 9.47 -11.53 1.56
N GLN C 37 10.57 -11.16 2.22
CA GLN C 37 11.04 -11.87 3.39
C GLN C 37 10.56 -11.11 4.61
N HIS C 38 10.13 -11.85 5.64
CA HIS C 38 9.76 -11.21 6.88
C HIS C 38 10.25 -11.97 8.10
N LYS C 39 11.04 -11.29 8.92
CA LYS C 39 11.50 -11.83 10.18
C LYS C 39 10.74 -11.13 11.29
N PRO C 40 10.34 -11.87 12.32
CA PRO C 40 9.53 -11.22 13.36
C PRO C 40 10.23 -9.99 13.95
N GLY C 41 9.50 -8.88 14.07
CA GLY C 41 10.08 -7.69 14.66
C GLY C 41 10.93 -6.88 13.69
N GLN C 42 10.96 -7.29 12.42
CA GLN C 42 11.69 -6.54 11.41
C GLN C 42 10.75 -6.11 10.29
N THR C 43 11.17 -5.11 9.53
CA THR C 43 10.40 -4.64 8.39
C THR C 43 10.49 -5.64 7.25
N PRO C 44 9.35 -5.92 6.58
CA PRO C 44 9.38 -6.81 5.42
C PRO C 44 10.34 -6.28 4.37
N ARG C 45 10.98 -7.20 3.67
CA ARG C 45 12.02 -6.89 2.70
C ARG C 45 11.68 -7.46 1.32
N LEU C 46 11.66 -6.59 0.32
CA LEU C 46 11.39 -6.99 -1.06
C LEU C 46 12.54 -7.86 -1.58
N LEU C 47 12.19 -9.01 -2.16
CA LEU C 47 13.17 -9.94 -2.74
C LEU C 47 13.12 -9.95 -4.27
N ILE C 48 11.91 -10.18 -4.79
CA ILE C 48 11.68 -10.43 -6.20
C ILE C 48 10.44 -9.63 -6.60
N TYR C 49 10.48 -8.98 -7.77
CA TYR C 49 9.27 -8.35 -8.28
C TYR C 49 9.10 -8.61 -9.78
N GLY C 50 7.88 -8.42 -10.26
CA GLY C 50 7.57 -8.76 -11.63
C GLY C 50 7.83 -10.23 -11.90
N ALA C 51 7.53 -11.04 -10.89
CA ALA C 51 7.71 -12.49 -10.90
C ALA C 51 9.16 -12.97 -10.81
N SER C 52 10.09 -12.27 -11.45
CA SER C 52 11.43 -12.80 -11.62
C SER C 52 12.58 -11.83 -11.42
N THR C 53 12.31 -10.55 -11.20
CA THR C 53 13.38 -9.58 -11.10
C THR C 53 13.89 -9.46 -9.65
N ARG C 54 15.20 -9.62 -9.48
CA ARG C 54 15.80 -9.55 -8.15
C ARG C 54 15.94 -8.09 -7.73
N ALA C 55 15.49 -7.77 -6.52
CA ALA C 55 15.57 -6.40 -6.02
C ALA C 55 17.00 -6.04 -5.66
N SER C 56 17.31 -4.74 -5.69
CA SER C 56 18.66 -4.29 -5.39
C SER C 56 19.09 -4.77 -4.01
N GLY C 57 20.33 -5.28 -3.90
CA GLY C 57 20.90 -5.66 -2.62
C GLY C 57 20.57 -7.07 -2.15
N VAL C 58 19.68 -7.75 -2.87
CA VAL C 58 19.24 -9.07 -2.48
C VAL C 58 20.27 -10.09 -2.99
N PRO C 59 20.69 -11.04 -2.11
CA PRO C 59 21.68 -12.02 -2.54
C PRO C 59 21.24 -12.83 -3.77
N GLU C 60 22.21 -13.26 -4.56
CA GLU C 60 21.93 -13.93 -5.81
C GLU C 60 21.32 -15.33 -5.63
N ARG C 61 21.37 -15.88 -4.42
CA ARG C 61 20.75 -17.17 -4.17
C ARG C 61 19.22 -17.14 -4.19
N PHE C 62 18.64 -15.95 -4.17
CA PHE C 62 17.20 -15.78 -4.31
C PHE C 62 16.85 -15.59 -5.78
N SER C 63 15.88 -16.34 -6.27
CA SER C 63 15.41 -16.18 -7.64
C SER C 63 13.92 -16.43 -7.71
N GLY C 64 13.29 -15.94 -8.77
CA GLY C 64 11.88 -16.14 -8.96
C GLY C 64 11.55 -16.57 -10.37
N SER C 65 10.50 -17.38 -10.50
CA SER C 65 10.00 -17.78 -11.80
C SER C 65 8.49 -17.85 -11.70
N GLY C 66 7.80 -17.22 -12.64
CA GLY C 66 6.34 -17.24 -12.58
C GLY C 66 5.67 -16.50 -13.71
N PHE C 67 4.47 -16.97 -14.06
CA PHE C 67 3.62 -16.27 -15.01
C PHE C 67 2.21 -16.82 -14.91
N HIS C 68 1.24 -15.95 -15.21
CA HIS C 68 -0.15 -16.34 -15.31
C HIS C 68 -0.70 -16.69 -13.92
N VAL C 69 -0.72 -17.97 -13.56
CA VAL C 69 -1.22 -18.34 -12.24
C VAL C 69 -0.20 -18.99 -11.32
N ASP C 70 0.93 -19.46 -11.86
CA ASP C 70 1.93 -20.14 -11.04
C ASP C 70 3.18 -19.30 -10.83
N PHE C 71 3.60 -19.18 -9.56
CA PHE C 71 4.74 -18.37 -9.18
C PHE C 71 5.59 -19.09 -8.14
N THR C 72 6.89 -19.05 -8.35
CA THR C 72 7.82 -19.75 -7.49
C THR C 72 8.95 -18.83 -7.03
N LEU C 73 9.30 -18.96 -5.76
CA LEU C 73 10.49 -18.36 -5.20
C LEU C 73 11.44 -19.49 -4.83
N SER C 74 12.67 -19.40 -5.31
CA SER C 74 13.68 -20.39 -4.98
C SER C 74 14.84 -19.76 -4.23
N ILE C 75 15.27 -20.44 -3.18
CA ILE C 75 16.42 -20.01 -2.41
C ILE C 75 17.44 -21.12 -2.45
N SER C 76 18.51 -20.93 -3.23
CA SER C 76 19.56 -21.94 -3.29
C SER C 76 20.56 -21.71 -2.15
N GLY C 77 21.39 -22.71 -1.87
CA GLY C 77 22.38 -22.58 -0.82
C GLY C 77 21.80 -22.01 0.47
N LEU C 78 20.71 -22.61 0.93
CA LEU C 78 19.97 -22.07 2.08
C LEU C 78 20.84 -21.86 3.32
N GLN C 79 20.72 -20.66 3.90
CA GLN C 79 21.51 -20.25 5.05
C GLN C 79 20.60 -20.03 6.26
N PRO C 80 21.15 -20.18 7.49
CA PRO C 80 20.32 -19.91 8.66
C PRO C 80 19.75 -18.49 8.65
N GLU C 81 20.47 -17.52 8.09
CA GLU C 81 19.96 -16.15 8.01
C GLU C 81 18.75 -15.99 7.07
N ASP C 82 18.41 -17.03 6.30
CA ASP C 82 17.24 -17.01 5.42
C ASP C 82 16.00 -17.56 6.13
N VAL C 83 16.13 -17.92 7.40
CA VAL C 83 15.01 -18.41 8.18
C VAL C 83 14.07 -17.23 8.45
N ALA C 84 12.83 -17.37 7.99
CA ALA C 84 11.90 -16.27 7.91
C ALA C 84 10.57 -16.77 7.35
N ILE C 85 9.55 -15.91 7.35
CA ILE C 85 8.31 -16.20 6.64
C ILE C 85 8.35 -15.43 5.32
N TYR C 86 7.96 -16.09 4.23
CA TYR C 86 8.01 -15.46 2.93
C TYR C 86 6.58 -15.27 2.42
N TYR C 87 6.29 -14.06 1.94
CA TYR C 87 4.98 -13.70 1.41
C TYR C 87 5.03 -13.37 -0.06
N CYS C 88 4.04 -13.87 -0.82
CA CYS C 88 3.84 -13.40 -2.18
C CYS C 88 2.76 -12.32 -2.19
N GLN C 89 2.78 -11.50 -3.22
CA GLN C 89 1.92 -10.34 -3.31
C GLN C 89 1.49 -10.15 -4.75
N GLN C 90 0.23 -9.80 -4.93
CA GLN C 90 -0.32 -9.42 -6.23
C GLN C 90 -1.08 -8.12 -6.00
N TYR C 91 -0.48 -7.01 -6.41
CA TYR C 91 -0.98 -5.68 -6.07
C TYR C 91 -1.31 -5.62 -4.57
N GLU C 92 -2.56 -5.38 -4.19
CA GLU C 92 -2.89 -5.18 -2.78
C GLU C 92 -3.09 -6.49 -2.02
N THR C 93 -3.07 -7.62 -2.73
CA THR C 93 -3.38 -8.90 -2.13
C THR C 93 -2.09 -9.64 -1.77
N PHE C 94 -2.06 -10.22 -0.56
CA PHE C 94 -0.93 -10.98 -0.09
C PHE C 94 -1.34 -12.42 0.18
N GLY C 95 -0.41 -13.35 -0.08
CA GLY C 95 -0.57 -14.73 0.31
C GLY C 95 -0.43 -14.91 1.82
N GLN C 96 -0.66 -16.13 2.31
CA GLN C 96 -0.73 -16.35 3.75
C GLN C 96 0.66 -16.59 4.37
N GLY C 97 1.66 -16.73 3.51
CA GLY C 97 3.02 -16.93 3.95
C GLY C 97 3.43 -18.38 4.03
N THR C 98 4.73 -18.60 3.83
CA THR C 98 5.37 -19.91 4.00
C THR C 98 6.59 -19.71 4.88
N LYS C 99 6.72 -20.55 5.90
CA LYS C 99 7.89 -20.49 6.78
C LYS C 99 9.00 -21.35 6.21
N VAL C 100 10.22 -20.84 6.23
CA VAL C 100 11.40 -21.61 5.86
C VAL C 100 12.28 -21.77 7.08
N GLU C 101 12.68 -23.02 7.35
CA GLU C 101 13.61 -23.31 8.44
C GLU C 101 14.75 -24.18 7.92
N ILE C 102 15.83 -24.20 8.68
CA ILE C 102 16.92 -25.13 8.42
C ILE C 102 16.60 -26.47 9.04
N LYS C 103 16.76 -27.52 8.23
CA LYS C 103 16.69 -28.88 8.74
C LYS C 103 18.06 -29.31 9.24
N ARG C 104 18.11 -29.79 10.48
CA ARG C 104 19.33 -30.29 11.06
C ARG C 104 19.05 -31.59 11.78
N THR C 105 20.09 -32.17 12.39
CA THR C 105 19.92 -33.38 13.15
C THR C 105 19.07 -33.13 14.39
N VAL C 106 18.43 -34.19 14.86
CA VAL C 106 17.62 -34.09 16.06
C VAL C 106 18.50 -33.75 17.25
N ALA C 107 18.01 -32.84 18.09
CA ALA C 107 18.69 -32.46 19.33
C ALA C 107 17.64 -32.37 20.44
N ALA C 108 17.85 -33.14 21.50
CA ALA C 108 16.93 -33.17 22.62
C ALA C 108 17.07 -31.88 23.40
N PRO C 109 15.96 -31.42 23.99
CA PRO C 109 16.02 -30.25 24.87
C PRO C 109 16.62 -30.56 26.22
N SER C 110 17.29 -29.58 26.81
CA SER C 110 17.55 -29.61 28.23
C SER C 110 16.36 -28.91 28.87
N VAL C 111 15.86 -29.49 29.96
CA VAL C 111 14.63 -29.04 30.56
C VAL C 111 14.86 -28.53 31.98
N PHE C 112 14.23 -27.41 32.29
CA PHE C 112 14.37 -26.80 33.60
C PHE C 112 12.99 -26.34 34.09
N ILE C 113 12.74 -26.51 35.38
CA ILE C 113 11.52 -26.00 35.99
C ILE C 113 11.85 -24.94 37.05
N PHE C 114 11.03 -23.90 37.10
CA PHE C 114 11.23 -22.79 38.03
C PHE C 114 9.97 -22.57 38.86
N PRO C 115 10.10 -22.62 40.19
CA PRO C 115 8.94 -22.32 41.03
C PRO C 115 8.63 -20.83 41.06
N PRO C 116 7.43 -20.45 41.50
CA PRO C 116 7.13 -19.04 41.74
C PRO C 116 7.96 -18.47 42.87
N SER C 117 8.34 -17.20 42.73
CA SER C 117 9.10 -16.51 43.75
C SER C 117 8.22 -16.14 44.95
N ASP C 118 8.83 -15.91 46.11
CA ASP C 118 8.07 -15.47 47.26
C ASP C 118 7.37 -14.15 46.99
N GLU C 119 8.06 -13.24 46.27
CA GLU C 119 7.51 -11.91 46.07
C GLU C 119 6.22 -11.98 45.26
N GLN C 120 6.21 -12.80 44.21
CA GLN C 120 5.03 -12.92 43.38
C GLN C 120 3.88 -13.49 44.20
N LEU C 121 4.18 -14.51 44.99
CA LEU C 121 3.15 -15.20 45.76
C LEU C 121 2.46 -14.28 46.73
N LYS C 122 3.23 -13.42 47.37
CA LYS C 122 2.69 -12.47 48.34
C LYS C 122 1.63 -11.58 47.70
N SER C 123 1.65 -11.49 46.36
CA SER C 123 0.74 -10.61 45.65
C SER C 123 -0.50 -11.34 45.12
N GLY C 124 -0.55 -12.66 45.28
CA GLY C 124 -1.77 -13.42 45.02
C GLY C 124 -1.76 -14.27 43.77
N THR C 125 -0.62 -14.37 43.11
CA THR C 125 -0.49 -15.18 41.91
C THR C 125 0.77 -16.05 41.94
N ALA C 126 0.68 -17.20 41.31
CA ALA C 126 1.83 -18.10 41.17
C ALA C 126 2.07 -18.36 39.70
N SER C 127 3.24 -17.95 39.21
CA SER C 127 3.68 -18.39 37.89
C SER C 127 4.74 -19.46 38.01
N VAL C 128 4.52 -20.57 37.29
CA VAL C 128 5.48 -21.67 37.23
C VAL C 128 5.99 -21.75 35.80
N VAL C 129 7.30 -21.81 35.63
CA VAL C 129 7.89 -21.75 34.29
C VAL C 129 8.69 -23.00 33.99
N CYS C 130 8.48 -23.54 32.80
CA CYS C 130 9.25 -24.69 32.32
C CYS C 130 9.99 -24.27 31.06
N LEU C 131 11.30 -24.48 31.05
CA LEU C 131 12.16 -24.10 29.93
C LEU C 131 12.65 -25.35 29.18
N LEU C 132 12.49 -25.34 27.86
CA LEU C 132 13.11 -26.34 26.99
C LEU C 132 14.18 -25.63 26.18
N ASN C 133 15.43 -26.02 26.37
CA ASN C 133 16.53 -25.27 25.78
C ASN C 133 17.23 -26.00 24.64
N ASN C 134 17.30 -25.31 23.50
CA ASN C 134 18.14 -25.69 22.38
C ASN C 134 17.84 -27.06 21.79
N PHE C 135 16.66 -27.19 21.20
CA PHE C 135 16.22 -28.46 20.66
C PHE C 135 15.82 -28.35 19.19
N TYR C 136 15.74 -29.50 18.54
CA TYR C 136 15.31 -29.60 17.17
C TYR C 136 14.78 -31.02 16.95
N PRO C 137 13.63 -31.17 16.26
CA PRO C 137 12.80 -30.16 15.61
C PRO C 137 11.95 -29.35 16.58
N ARG C 138 11.21 -28.38 16.06
CA ARG C 138 10.44 -27.46 16.87
C ARG C 138 9.27 -28.12 17.61
N GLU C 139 8.72 -29.19 17.03
CA GLU C 139 7.56 -29.83 17.62
C GLU C 139 7.95 -30.47 18.96
N ALA C 140 7.20 -30.13 20.00
CA ALA C 140 7.43 -30.66 21.34
C ALA C 140 6.12 -30.61 22.11
N LYS C 141 5.93 -31.54 23.04
CA LYS C 141 4.75 -31.55 23.89
C LYS C 141 5.19 -31.24 25.32
N VAL C 142 4.58 -30.22 25.91
CA VAL C 142 4.90 -29.83 27.26
C VAL C 142 3.63 -29.92 28.11
N GLN C 143 3.65 -30.80 29.10
CA GLN C 143 2.46 -31.08 29.91
C GLN C 143 2.72 -30.77 31.39
N TRP C 144 1.89 -29.90 31.94
CA TRP C 144 1.93 -29.54 33.35
C TRP C 144 1.13 -30.54 34.18
N LYS C 145 1.71 -30.98 35.29
CA LYS C 145 1.00 -31.84 36.23
C LYS C 145 1.13 -31.26 37.63
N VAL C 146 0.00 -31.20 38.33
CA VAL C 146 -0.06 -30.69 39.69
C VAL C 146 -0.66 -31.80 40.54
N ASP C 147 0.16 -32.36 41.43
CA ASP C 147 -0.23 -33.56 42.18
C ASP C 147 -0.77 -34.61 41.21
N ASN C 148 -0.05 -34.75 40.11
CA ASN C 148 -0.32 -35.72 39.04
C ASN C 148 -1.58 -35.47 38.23
N ALA C 149 -2.27 -34.36 38.46
CA ALA C 149 -3.41 -34.00 37.63
C ALA C 149 -2.93 -33.12 36.48
N LEU C 150 -3.21 -33.55 35.27
CA LEU C 150 -2.80 -32.82 34.10
C LEU C 150 -3.55 -31.49 34.09
N GLN C 151 -2.81 -30.41 33.87
CA GLN C 151 -3.39 -29.08 33.80
C GLN C 151 -3.50 -28.66 32.35
N SER C 152 -4.63 -28.06 31.97
CA SER C 152 -4.81 -27.62 30.60
C SER C 152 -5.63 -26.34 30.59
N GLY C 153 -5.28 -25.43 29.68
CA GLY C 153 -6.02 -24.19 29.53
C GLY C 153 -5.54 -23.07 30.44
N ASN C 154 -4.53 -23.35 31.27
CA ASN C 154 -4.00 -22.36 32.20
C ASN C 154 -2.51 -22.09 31.97
N SER C 155 -2.03 -22.35 30.76
CA SER C 155 -0.63 -22.10 30.43
C SER C 155 -0.50 -21.45 29.06
N GLN C 156 0.61 -20.76 28.85
CA GLN C 156 0.93 -20.19 27.54
C GLN C 156 2.38 -20.49 27.19
N GLU C 157 2.61 -20.78 25.92
CA GLU C 157 3.94 -21.07 25.42
C GLU C 157 4.50 -19.93 24.58
N SER C 158 5.82 -19.81 24.59
CA SER C 158 6.54 -18.96 23.66
C SER C 158 7.76 -19.69 23.10
N VAL C 159 8.08 -19.43 21.84
CA VAL C 159 9.18 -20.12 21.19
C VAL C 159 10.07 -19.09 20.49
N THR C 160 11.38 -19.26 20.63
CA THR C 160 12.33 -18.37 19.97
C THR C 160 12.40 -18.68 18.48
N GLU C 161 12.92 -17.75 17.70
CA GLU C 161 13.22 -18.02 16.30
C GLU C 161 14.41 -18.96 16.22
N GLN C 162 14.46 -19.75 15.16
CA GLN C 162 15.53 -20.72 15.03
C GLN C 162 16.89 -20.01 15.13
N ASP C 163 17.79 -20.58 15.92
CA ASP C 163 19.07 -19.94 16.20
C ASP C 163 19.99 -19.93 14.98
N SER C 164 20.62 -18.80 14.69
CA SER C 164 21.44 -18.71 13.48
C SER C 164 22.72 -19.55 13.51
N LYS C 165 23.18 -19.96 14.69
CA LYS C 165 24.46 -20.65 14.80
C LYS C 165 24.29 -22.15 14.97
N ASP C 166 23.29 -22.59 15.73
CA ASP C 166 23.10 -24.04 15.97
C ASP C 166 21.77 -24.57 15.44
N SER C 167 21.01 -23.70 14.82
CA SER C 167 19.72 -24.03 14.22
C SER C 167 18.74 -24.74 15.15
N THR C 168 18.79 -24.42 16.44
CA THR C 168 17.84 -24.99 17.40
C THR C 168 16.76 -23.98 17.80
N TYR C 169 15.76 -24.48 18.50
CA TYR C 169 14.71 -23.68 19.08
C TYR C 169 14.80 -23.76 20.59
N SER C 170 14.21 -22.79 21.26
CA SER C 170 13.96 -22.89 22.69
C SER C 170 12.53 -22.48 22.97
N LEU C 171 11.97 -23.00 24.06
CA LEU C 171 10.56 -22.84 24.31
C LEU C 171 10.33 -22.65 25.80
N SER C 172 9.40 -21.77 26.14
CA SER C 172 8.96 -21.62 27.52
C SER C 172 7.49 -21.96 27.63
N SER C 173 7.11 -22.55 28.75
CA SER C 173 5.71 -22.73 29.07
C SER C 173 5.50 -22.16 30.47
N THR C 174 4.46 -21.37 30.63
CA THR C 174 4.19 -20.69 31.88
C THR C 174 2.80 -21.06 32.35
N LEU C 175 2.74 -21.68 33.53
CA LEU C 175 1.49 -22.04 34.18
C LEU C 175 1.14 -20.95 35.18
N THR C 176 -0.10 -20.45 35.11
CA THR C 176 -0.56 -19.41 36.05
C THR C 176 -1.65 -19.98 36.93
N LEU C 177 -1.45 -19.85 38.25
CA LEU C 177 -2.41 -20.29 39.25
C LEU C 177 -2.61 -19.19 40.28
N SER C 178 -3.75 -19.19 40.95
CA SER C 178 -3.94 -18.29 42.09
C SER C 178 -3.03 -18.77 43.20
N LYS C 179 -2.70 -17.86 44.11
CA LYS C 179 -1.94 -18.21 45.29
C LYS C 179 -2.68 -19.31 46.06
N ALA C 180 -3.99 -19.17 46.18
CA ALA C 180 -4.79 -20.10 46.96
C ALA C 180 -4.73 -21.51 46.40
N ASP C 181 -4.80 -21.63 45.08
CA ASP C 181 -4.73 -22.94 44.41
C ASP C 181 -3.31 -23.49 44.48
N TYR C 182 -2.33 -22.62 44.34
CA TYR C 182 -0.95 -23.05 44.37
C TYR C 182 -0.65 -23.72 45.72
N GLU C 183 -1.18 -23.12 46.79
CA GLU C 183 -0.91 -23.58 48.15
C GLU C 183 -1.75 -24.81 48.54
N LYS C 184 -2.64 -25.22 47.65
CA LYS C 184 -3.46 -26.40 47.91
C LYS C 184 -2.76 -27.69 47.47
N HIS C 185 -1.63 -27.55 46.78
CA HIS C 185 -0.98 -28.69 46.15
C HIS C 185 0.52 -28.74 46.40
N LYS C 186 1.09 -29.93 46.29
CA LYS C 186 2.48 -30.16 46.67
C LYS C 186 3.44 -30.30 45.49
N VAL C 187 3.13 -31.24 44.60
CA VAL C 187 4.07 -31.61 43.53
C VAL C 187 3.75 -30.91 42.23
N TYR C 188 4.71 -30.14 41.74
CA TYR C 188 4.56 -29.41 40.48
C TYR C 188 5.54 -29.95 39.46
N ALA C 189 5.02 -30.40 38.32
CA ALA C 189 5.83 -31.11 37.35
C ALA C 189 5.60 -30.64 35.93
N CYS C 190 6.69 -30.60 35.17
CA CYS C 190 6.63 -30.34 33.74
C CYS C 190 7.17 -31.57 33.02
N GLU C 191 6.32 -32.19 32.20
CA GLU C 191 6.67 -33.39 31.46
C GLU C 191 6.86 -33.06 29.98
N VAL C 192 8.01 -33.44 29.43
CA VAL C 192 8.37 -33.04 28.06
C VAL C 192 8.51 -34.26 27.16
N THR C 193 7.78 -34.23 26.05
CA THR C 193 7.88 -35.25 25.02
C THR C 193 8.47 -34.61 23.75
N HIS C 194 9.49 -35.28 23.21
CA HIS C 194 10.21 -34.76 22.06
C HIS C 194 10.94 -35.87 21.34
N GLN C 195 11.15 -35.69 20.04
CA GLN C 195 11.70 -36.76 19.20
C GLN C 195 13.08 -37.21 19.67
N GLY C 196 13.82 -36.29 20.26
CA GLY C 196 15.17 -36.58 20.72
C GLY C 196 15.25 -37.24 22.08
N LEU C 197 14.09 -37.42 22.72
CA LEU C 197 13.99 -38.10 24.02
C LEU C 197 13.38 -39.49 23.85
N SER C 198 14.10 -40.53 24.28
CA SER C 198 13.61 -41.89 24.11
C SER C 198 12.38 -42.16 24.97
N SER C 199 12.27 -41.42 26.06
CA SER C 199 11.08 -41.44 26.89
C SER C 199 10.90 -40.04 27.44
N PRO C 200 9.65 -39.69 27.81
CA PRO C 200 9.42 -38.33 28.29
C PRO C 200 10.26 -37.98 29.51
N VAL C 201 10.65 -36.72 29.59
CA VAL C 201 11.45 -36.21 30.69
C VAL C 201 10.59 -35.32 31.57
N THR C 202 10.64 -35.59 32.87
CA THR C 202 9.89 -34.79 33.84
C THR C 202 10.82 -34.06 34.80
N LYS C 203 10.60 -32.76 34.95
CA LYS C 203 11.28 -31.98 35.98
C LYS C 203 10.21 -31.51 36.95
N SER C 204 10.52 -31.57 38.23
CA SER C 204 9.50 -31.26 39.22
C SER C 204 10.09 -30.67 40.49
N PHE C 205 9.22 -30.06 41.28
CA PHE C 205 9.58 -29.61 42.62
C PHE C 205 8.40 -29.78 43.57
N ASN C 206 8.71 -29.83 44.86
CA ASN C 206 7.68 -29.84 45.89
C ASN C 206 7.58 -28.46 46.48
N ARG C 207 6.37 -27.93 46.55
CA ARG C 207 6.15 -26.60 47.13
C ARG C 207 6.69 -26.54 48.56
N GLY C 208 7.55 -25.55 48.82
CA GLY C 208 8.06 -25.33 50.16
C GLY C 208 9.31 -26.15 50.48
N GLU C 209 9.87 -26.79 49.45
CA GLU C 209 11.03 -27.64 49.64
C GLU C 209 12.22 -27.15 48.81
N CYS C 210 13.33 -26.89 49.50
CA CYS C 210 14.53 -26.36 48.87
C CYS C 210 14.94 -27.19 47.65
#